data_1EDS
# 
_entry.id   1EDS 
# 
_audit_conform.dict_name       mmcif_pdbx.dic 
_audit_conform.dict_version    5.392 
_audit_conform.dict_location   http://mmcif.pdb.org/dictionaries/ascii/mmcif_pdbx.dic 
# 
loop_
_database_2.database_id 
_database_2.database_code 
_database_2.pdbx_database_accession 
_database_2.pdbx_DOI 
PDB   1EDS         pdb_00001eds 10.2210/pdb1eds/pdb 
RCSB  RCSB010472   ?            ?                   
WWPDB D_1000010472 ?            ?                   
# 
loop_
_pdbx_audit_revision_history.ordinal 
_pdbx_audit_revision_history.data_content_type 
_pdbx_audit_revision_history.major_revision 
_pdbx_audit_revision_history.minor_revision 
_pdbx_audit_revision_history.revision_date 
1 'Structure model' 1 0 2000-08-09 
2 'Structure model' 1 1 2008-04-27 
3 'Structure model' 1 2 2011-07-13 
4 'Structure model' 1 3 2022-02-16 
5 'Structure model' 1 4 2024-05-22 
# 
_pdbx_audit_revision_details.ordinal             1 
_pdbx_audit_revision_details.revision_ordinal    1 
_pdbx_audit_revision_details.data_content_type   'Structure model' 
_pdbx_audit_revision_details.provider            repository 
_pdbx_audit_revision_details.type                'Initial release' 
_pdbx_audit_revision_details.description         ? 
_pdbx_audit_revision_details.details             ? 
# 
loop_
_pdbx_audit_revision_group.ordinal 
_pdbx_audit_revision_group.revision_ordinal 
_pdbx_audit_revision_group.data_content_type 
_pdbx_audit_revision_group.group 
1 2 'Structure model' 'Version format compliance' 
2 3 'Structure model' 'Version format compliance' 
3 4 'Structure model' 'Data collection'           
4 4 'Structure model' 'Database references'       
5 4 'Structure model' 'Derived calculations'      
6 5 'Structure model' 'Data collection'           
# 
loop_
_pdbx_audit_revision_category.ordinal 
_pdbx_audit_revision_category.revision_ordinal 
_pdbx_audit_revision_category.data_content_type 
_pdbx_audit_revision_category.category 
1 4 'Structure model' database_2            
2 4 'Structure model' pdbx_nmr_software     
3 4 'Structure model' pdbx_struct_assembly  
4 4 'Structure model' pdbx_struct_oper_list 
5 5 'Structure model' chem_comp_atom        
6 5 'Structure model' chem_comp_bond        
# 
loop_
_pdbx_audit_revision_item.ordinal 
_pdbx_audit_revision_item.revision_ordinal 
_pdbx_audit_revision_item.data_content_type 
_pdbx_audit_revision_item.item 
1 4 'Structure model' '_database_2.pdbx_DOI'                
2 4 'Structure model' '_database_2.pdbx_database_accession' 
3 4 'Structure model' '_pdbx_nmr_software.name'             
# 
_pdbx_database_status.status_code                     REL 
_pdbx_database_status.entry_id                        1EDS 
_pdbx_database_status.recvd_initial_deposition_date   2000-01-28 
_pdbx_database_status.deposit_site                    RCSB 
_pdbx_database_status.process_site                    RCSB 
_pdbx_database_status.status_code_mr                  REL 
_pdbx_database_status.SG_entry                        . 
_pdbx_database_status.pdb_format_compatible           Y 
_pdbx_database_status.status_code_sf                  ? 
_pdbx_database_status.status_code_cs                  ? 
_pdbx_database_status.status_code_nmr_data            ? 
_pdbx_database_status.methods_development_category    ? 
# 
loop_
_pdbx_database_related.db_name 
_pdbx_database_related.db_id 
_pdbx_database_related.details 
_pdbx_database_related.content_type 
PDB 1EDX 'amino terminal of bovine rhodopsin'          unspecified 
PDB 1EDV 'Second intradiskal loop of bovine rhodopsin' unspecified 
PDB 1EDW 'Third intradiskal loop of bovine rhodopsin'  unspecified 
# 
loop_
_audit_author.name 
_audit_author.pdbx_ordinal 
'Yeagle, P.L.' 1 
'Salloum, A.'  2 
'Chopra, A.'   3 
'Bhawsar, N.'  4 
'Ali, L.'      5 
# 
_citation.id                        primary 
_citation.title                     'Structures of the intradiskal loops and amino terminus of the G-protein receptor, rhodopsin.' 
_citation.journal_abbrev            J.Pept.Res. 
_citation.journal_volume            55 
_citation.page_first                455 
_citation.page_last                 465 
_citation.year                      2000 
_citation.journal_id_ASTM           JPERFA 
_citation.country                   DK 
_citation.journal_id_ISSN           1397-002X 
_citation.journal_id_CSD            2150 
_citation.book_publisher            ? 
_citation.pdbx_database_id_PubMed   10888202 
_citation.pdbx_database_id_DOI      10.1034/j.1399-3011.2000.00707.x 
# 
loop_
_citation_author.citation_id 
_citation_author.name 
_citation_author.ordinal 
_citation_author.identifier_ORCID 
primary 'Yeagle, P.L.'    1 ? 
primary 'Salloum, A.'     2 ? 
primary 'Chopra, A.'      3 ? 
primary 'Bhawsar, N.'     4 ? 
primary 'Ali, L.'         5 ? 
primary 'Kuzmanovski, G.' 6 ? 
primary 'Alderfer, J.L.'  7 ? 
primary 'Albert, A.D.'    8 ? 
# 
_entity.id                         1 
_entity.type                       polymer 
_entity.src_method                 syn 
_entity.pdbx_description           RHODOPSIN 
_entity.formula_weight             3314.697 
_entity.pdbx_number_of_molecules   1 
_entity.pdbx_ec                    ? 
_entity.pdbx_mutation              ? 
_entity.pdbx_fragment              'FIRST INTRADISKAL LOOP (RESIDUES 93-123)' 
_entity.details                    ? 
# 
_entity_poly.entity_id                      1 
_entity_poly.type                           'polypeptide(L)' 
_entity_poly.nstd_linkage                   no 
_entity_poly.nstd_monomer                   no 
_entity_poly.pdbx_seq_one_letter_code       TTLYTSLHGYFVFGPTGCNLEGFFATLGGEI 
_entity_poly.pdbx_seq_one_letter_code_can   TTLYTSLHGYFVFGPTGCNLEGFFATLGGEI 
_entity_poly.pdbx_strand_id                 A 
_entity_poly.pdbx_target_identifier         ? 
# 
loop_
_entity_poly_seq.entity_id 
_entity_poly_seq.num 
_entity_poly_seq.mon_id 
_entity_poly_seq.hetero 
1 1  THR n 
1 2  THR n 
1 3  LEU n 
1 4  TYR n 
1 5  THR n 
1 6  SER n 
1 7  LEU n 
1 8  HIS n 
1 9  GLY n 
1 10 TYR n 
1 11 PHE n 
1 12 VAL n 
1 13 PHE n 
1 14 GLY n 
1 15 PRO n 
1 16 THR n 
1 17 GLY n 
1 18 CYS n 
1 19 ASN n 
1 20 LEU n 
1 21 GLU n 
1 22 GLY n 
1 23 PHE n 
1 24 PHE n 
1 25 ALA n 
1 26 THR n 
1 27 LEU n 
1 28 GLY n 
1 29 GLY n 
1 30 GLU n 
1 31 ILE n 
# 
_pdbx_entity_src_syn.entity_id              1 
_pdbx_entity_src_syn.pdbx_src_id            1 
_pdbx_entity_src_syn.pdbx_alt_source_flag   sample 
_pdbx_entity_src_syn.pdbx_beg_seq_num       ? 
_pdbx_entity_src_syn.pdbx_end_seq_num       ? 
_pdbx_entity_src_syn.organism_scientific    ? 
_pdbx_entity_src_syn.organism_common_name   ? 
_pdbx_entity_src_syn.ncbi_taxonomy_id       ? 
_pdbx_entity_src_syn.details                'bovine sequence' 
# 
loop_
_chem_comp.id 
_chem_comp.type 
_chem_comp.mon_nstd_flag 
_chem_comp.name 
_chem_comp.pdbx_synonyms 
_chem_comp.formula 
_chem_comp.formula_weight 
ALA 'L-peptide linking' y ALANINE         ? 'C3 H7 N O2'     89.093  
ASN 'L-peptide linking' y ASPARAGINE      ? 'C4 H8 N2 O3'    132.118 
CYS 'L-peptide linking' y CYSTEINE        ? 'C3 H7 N O2 S'   121.158 
GLU 'L-peptide linking' y 'GLUTAMIC ACID' ? 'C5 H9 N O4'     147.129 
GLY 'peptide linking'   y GLYCINE         ? 'C2 H5 N O2'     75.067  
HIS 'L-peptide linking' y HISTIDINE       ? 'C6 H10 N3 O2 1' 156.162 
ILE 'L-peptide linking' y ISOLEUCINE      ? 'C6 H13 N O2'    131.173 
LEU 'L-peptide linking' y LEUCINE         ? 'C6 H13 N O2'    131.173 
PHE 'L-peptide linking' y PHENYLALANINE   ? 'C9 H11 N O2'    165.189 
PRO 'L-peptide linking' y PROLINE         ? 'C5 H9 N O2'     115.130 
SER 'L-peptide linking' y SERINE          ? 'C3 H7 N O3'     105.093 
THR 'L-peptide linking' y THREONINE       ? 'C4 H9 N O3'     119.119 
TYR 'L-peptide linking' y TYROSINE        ? 'C9 H11 N O3'    181.189 
VAL 'L-peptide linking' y VALINE          ? 'C5 H11 N O2'    117.146 
# 
loop_
_pdbx_poly_seq_scheme.asym_id 
_pdbx_poly_seq_scheme.entity_id 
_pdbx_poly_seq_scheme.seq_id 
_pdbx_poly_seq_scheme.mon_id 
_pdbx_poly_seq_scheme.ndb_seq_num 
_pdbx_poly_seq_scheme.pdb_seq_num 
_pdbx_poly_seq_scheme.auth_seq_num 
_pdbx_poly_seq_scheme.pdb_mon_id 
_pdbx_poly_seq_scheme.auth_mon_id 
_pdbx_poly_seq_scheme.pdb_strand_id 
_pdbx_poly_seq_scheme.pdb_ins_code 
_pdbx_poly_seq_scheme.hetero 
A 1 1  THR 1  1  1  THR THR A . n 
A 1 2  THR 2  2  2  THR THR A . n 
A 1 3  LEU 3  3  3  LEU LEU A . n 
A 1 4  TYR 4  4  4  TYR TYR A . n 
A 1 5  THR 5  5  5  THR THR A . n 
A 1 6  SER 6  6  6  SER SER A . n 
A 1 7  LEU 7  7  7  LEU LEU A . n 
A 1 8  HIS 8  8  8  HIS HIS A . n 
A 1 9  GLY 9  9  9  GLY GLY A . n 
A 1 10 TYR 10 10 10 TYR TYR A . n 
A 1 11 PHE 11 11 11 PHE PHE A . n 
A 1 12 VAL 12 12 12 VAL VAL A . n 
A 1 13 PHE 13 13 13 PHE PHE A . n 
A 1 14 GLY 14 14 14 GLY GLY A . n 
A 1 15 PRO 15 15 15 PRO PRO A . n 
A 1 16 THR 16 16 16 THR THR A . n 
A 1 17 GLY 17 17 17 GLY GLY A . n 
A 1 18 CYS 18 18 18 CYS CYS A . n 
A 1 19 ASN 19 19 19 ASN ASN A . n 
A 1 20 LEU 20 20 20 LEU LEU A . n 
A 1 21 GLU 21 21 21 GLU GLU A . n 
A 1 22 GLY 22 22 22 GLY GLY A . n 
A 1 23 PHE 23 23 23 PHE PHE A . n 
A 1 24 PHE 24 24 24 PHE PHE A . n 
A 1 25 ALA 25 25 25 ALA ALA A . n 
A 1 26 THR 26 26 26 THR THR A . n 
A 1 27 LEU 27 27 27 LEU LEU A . n 
A 1 28 GLY 28 28 28 GLY GLY A . n 
A 1 29 GLY 29 29 29 GLY GLY A . n 
A 1 30 GLU 30 30 30 GLU GLU A . n 
A 1 31 ILE 31 31 31 ILE ILE A . n 
# 
_cell.entry_id           1EDS 
_cell.length_a           1.000 
_cell.length_b           1.000 
_cell.length_c           1.000 
_cell.angle_alpha        90.00 
_cell.angle_beta         90.00 
_cell.angle_gamma        90.00 
_cell.Z_PDB              1 
_cell.pdbx_unique_axis   ? 
# 
_symmetry.entry_id                         1EDS 
_symmetry.space_group_name_H-M             'P 1' 
_symmetry.pdbx_full_space_group_name_H-M   ? 
_symmetry.cell_setting                     ? 
_symmetry.Int_Tables_number                1 
# 
_exptl.entry_id          1EDS 
_exptl.method            'SOLUTION NMR' 
_exptl.crystals_number   ? 
# 
_struct.entry_id                  1EDS 
_struct.title                     'SOLUTION STRUCTURE OF INTRADISKAL LOOP 1 OF BOVINE RHODOPSIN (RHODOPSIN RESIDUES 92-123)' 
_struct.pdbx_model_details        ? 
_struct.pdbx_CASP_flag            ? 
_struct.pdbx_model_type_details   'minimized average' 
# 
_struct_keywords.entry_id        1EDS 
_struct_keywords.pdbx_keywords   'Ion Transport' 
_struct_keywords.text            'helix-turn-helix, Ion Transport' 
# 
_struct_asym.id                            A 
_struct_asym.pdbx_blank_PDB_chainid_flag   N 
_struct_asym.pdbx_modified                 N 
_struct_asym.entity_id                     1 
_struct_asym.details                       ? 
# 
_struct_ref.id                         1 
_struct_ref.db_name                    UNP 
_struct_ref.db_code                    OPSD_BOVIN 
_struct_ref.entity_id                  1 
_struct_ref.pdbx_db_accession          P02699 
_struct_ref.pdbx_align_begin           93 
_struct_ref.pdbx_seq_one_letter_code   TTLYTSLHGYFVFGPTGCNLEGFFATLGGEI 
_struct_ref.pdbx_db_isoform            ? 
# 
_struct_ref_seq.align_id                      1 
_struct_ref_seq.ref_id                        1 
_struct_ref_seq.pdbx_PDB_id_code              1EDS 
_struct_ref_seq.pdbx_strand_id                A 
_struct_ref_seq.seq_align_beg                 1 
_struct_ref_seq.pdbx_seq_align_beg_ins_code   ? 
_struct_ref_seq.seq_align_end                 31 
_struct_ref_seq.pdbx_seq_align_end_ins_code   ? 
_struct_ref_seq.pdbx_db_accession             P02699 
_struct_ref_seq.db_align_beg                  93 
_struct_ref_seq.pdbx_db_align_beg_ins_code    ? 
_struct_ref_seq.db_align_end                  123 
_struct_ref_seq.pdbx_db_align_end_ins_code    ? 
_struct_ref_seq.pdbx_auth_seq_align_beg       1 
_struct_ref_seq.pdbx_auth_seq_align_end       31 
# 
_pdbx_struct_assembly.id                   1 
_pdbx_struct_assembly.details              author_defined_assembly 
_pdbx_struct_assembly.method_details       ? 
_pdbx_struct_assembly.oligomeric_details   monomeric 
_pdbx_struct_assembly.oligomeric_count     1 
# 
_pdbx_struct_assembly_gen.assembly_id       1 
_pdbx_struct_assembly_gen.oper_expression   1 
_pdbx_struct_assembly_gen.asym_id_list      A 
# 
_pdbx_struct_oper_list.id                   1 
_pdbx_struct_oper_list.type                 'identity operation' 
_pdbx_struct_oper_list.name                 1_555 
_pdbx_struct_oper_list.symmetry_operation   x,y,z 
_pdbx_struct_oper_list.matrix[1][1]         1.0000000000 
_pdbx_struct_oper_list.matrix[1][2]         0.0000000000 
_pdbx_struct_oper_list.matrix[1][3]         0.0000000000 
_pdbx_struct_oper_list.vector[1]            0.0000000000 
_pdbx_struct_oper_list.matrix[2][1]         0.0000000000 
_pdbx_struct_oper_list.matrix[2][2]         1.0000000000 
_pdbx_struct_oper_list.matrix[2][3]         0.0000000000 
_pdbx_struct_oper_list.vector[2]            0.0000000000 
_pdbx_struct_oper_list.matrix[3][1]         0.0000000000 
_pdbx_struct_oper_list.matrix[3][2]         0.0000000000 
_pdbx_struct_oper_list.matrix[3][3]         1.0000000000 
_pdbx_struct_oper_list.vector[3]            0.0000000000 
# 
_struct_biol.id   1 
# 
_struct_conf.conf_type_id            HELX_P 
_struct_conf.id                      HELX_P1 
_struct_conf.pdbx_PDB_helix_id       1 
_struct_conf.beg_label_comp_id       TYR 
_struct_conf.beg_label_asym_id       A 
_struct_conf.beg_label_seq_id        10 
_struct_conf.pdbx_beg_PDB_ins_code   ? 
_struct_conf.end_label_comp_id       GLY 
_struct_conf.end_label_asym_id       A 
_struct_conf.end_label_seq_id        14 
_struct_conf.pdbx_end_PDB_ins_code   ? 
_struct_conf.beg_auth_comp_id        TYR 
_struct_conf.beg_auth_asym_id        A 
_struct_conf.beg_auth_seq_id         10 
_struct_conf.end_auth_comp_id        GLY 
_struct_conf.end_auth_asym_id        A 
_struct_conf.end_auth_seq_id         14 
_struct_conf.pdbx_PDB_helix_class    5 
_struct_conf.details                 ? 
_struct_conf.pdbx_PDB_helix_length   5 
# 
_struct_conf_type.id          HELX_P 
_struct_conf_type.criteria    ? 
_struct_conf_type.reference   ? 
# 
loop_
_pdbx_validate_torsion.id 
_pdbx_validate_torsion.PDB_model_num 
_pdbx_validate_torsion.auth_comp_id 
_pdbx_validate_torsion.auth_asym_id 
_pdbx_validate_torsion.auth_seq_id 
_pdbx_validate_torsion.PDB_ins_code 
_pdbx_validate_torsion.label_alt_id 
_pdbx_validate_torsion.phi 
_pdbx_validate_torsion.psi 
1 1 LEU A 3  ? ? 57.98  -72.67 
2 1 THR A 5  ? ? 43.26  76.16  
3 1 HIS A 8  ? ? -53.66 77.18  
4 1 TYR A 10 ? ? -76.04 41.88  
5 1 PRO A 15 ? ? -77.42 -81.43 
6 1 THR A 16 ? ? -84.72 47.30  
7 1 THR A 26 ? ? -72.96 -72.42 
8 1 GLU A 30 ? ? 72.31  153.56 
# 
loop_
_pdbx_validate_planes.id 
_pdbx_validate_planes.PDB_model_num 
_pdbx_validate_planes.auth_comp_id 
_pdbx_validate_planes.auth_asym_id 
_pdbx_validate_planes.auth_seq_id 
_pdbx_validate_planes.PDB_ins_code 
_pdbx_validate_planes.label_alt_id 
_pdbx_validate_planes.rmsd 
_pdbx_validate_planes.type 
1 1 TYR A 10 ? ? 0.192 'SIDE CHAIN' 
2 1 PHE A 24 ? ? 0.118 'SIDE CHAIN' 
# 
_pdbx_nmr_ensemble.entry_id                                      1EDS 
_pdbx_nmr_ensemble.conformers_calculated_total_number            150 
_pdbx_nmr_ensemble.conformers_submitted_total_number             1 
_pdbx_nmr_ensemble.conformer_selection_criteria                  'target function' 
_pdbx_nmr_ensemble.average_constraints_per_residue               ? 
_pdbx_nmr_ensemble.average_constraint_violations_per_residue     ? 
_pdbx_nmr_ensemble.maximum_distance_constraint_violation         ? 
_pdbx_nmr_ensemble.average_distance_constraint_violation         ? 
_pdbx_nmr_ensemble.maximum_upper_distance_constraint_violation   ? 
_pdbx_nmr_ensemble.maximum_lower_distance_constraint_violation   ? 
_pdbx_nmr_ensemble.distance_constraint_violation_method          ? 
_pdbx_nmr_ensemble.maximum_torsion_angle_constraint_violation    ? 
_pdbx_nmr_ensemble.average_torsion_angle_constraint_violation    ? 
_pdbx_nmr_ensemble.torsion_angle_constraint_violation_method     ? 
# 
_pdbx_nmr_representative.entry_id             1EDS 
_pdbx_nmr_representative.conformer_id         1 
_pdbx_nmr_representative.selection_criteria   'minimized average structure' 
# 
_pdbx_nmr_sample_details.solution_id      1 
_pdbx_nmr_sample_details.contents         '2 mM peptide' 
_pdbx_nmr_sample_details.solvent_system   DMSO 
# 
_pdbx_nmr_exptl_sample_conditions.conditions_id       1 
_pdbx_nmr_exptl_sample_conditions.temperature         303 
_pdbx_nmr_exptl_sample_conditions.pressure            1 
_pdbx_nmr_exptl_sample_conditions.pH                  ? 
_pdbx_nmr_exptl_sample_conditions.ionic_strength      ? 
_pdbx_nmr_exptl_sample_conditions.pressure_units      atm 
_pdbx_nmr_exptl_sample_conditions.temperature_units   K 
# 
loop_
_pdbx_nmr_exptl.experiment_id 
_pdbx_nmr_exptl.solution_id 
_pdbx_nmr_exptl.conditions_id 
_pdbx_nmr_exptl.type 
1 1 1 '2D NOESY' 
2 1 1 DQF-COSY   
# 
_pdbx_nmr_refine.entry_id           1EDS 
_pdbx_nmr_refine.method             'distance geometry (DIANA)' 
_pdbx_nmr_refine.details            ? 
_pdbx_nmr_refine.software_ordinal   1 
# 
loop_
_pdbx_nmr_software.name 
_pdbx_nmr_software.version 
_pdbx_nmr_software.classification 
_pdbx_nmr_software.authors 
_pdbx_nmr_software.ordinal 
Felix ? 'data analysis' ? 1 
DIANA ? refinement      ? 2 
# 
loop_
_chem_comp_atom.comp_id 
_chem_comp_atom.atom_id 
_chem_comp_atom.type_symbol 
_chem_comp_atom.pdbx_aromatic_flag 
_chem_comp_atom.pdbx_stereo_config 
_chem_comp_atom.pdbx_ordinal 
ALA N    N N N 1   
ALA CA   C N S 2   
ALA C    C N N 3   
ALA O    O N N 4   
ALA CB   C N N 5   
ALA OXT  O N N 6   
ALA H    H N N 7   
ALA H2   H N N 8   
ALA HA   H N N 9   
ALA HB1  H N N 10  
ALA HB2  H N N 11  
ALA HB3  H N N 12  
ALA HXT  H N N 13  
ASN N    N N N 14  
ASN CA   C N S 15  
ASN C    C N N 16  
ASN O    O N N 17  
ASN CB   C N N 18  
ASN CG   C N N 19  
ASN OD1  O N N 20  
ASN ND2  N N N 21  
ASN OXT  O N N 22  
ASN H    H N N 23  
ASN H2   H N N 24  
ASN HA   H N N 25  
ASN HB2  H N N 26  
ASN HB3  H N N 27  
ASN HD21 H N N 28  
ASN HD22 H N N 29  
ASN HXT  H N N 30  
CYS N    N N N 31  
CYS CA   C N R 32  
CYS C    C N N 33  
CYS O    O N N 34  
CYS CB   C N N 35  
CYS SG   S N N 36  
CYS OXT  O N N 37  
CYS H    H N N 38  
CYS H2   H N N 39  
CYS HA   H N N 40  
CYS HB2  H N N 41  
CYS HB3  H N N 42  
CYS HG   H N N 43  
CYS HXT  H N N 44  
GLU N    N N N 45  
GLU CA   C N S 46  
GLU C    C N N 47  
GLU O    O N N 48  
GLU CB   C N N 49  
GLU CG   C N N 50  
GLU CD   C N N 51  
GLU OE1  O N N 52  
GLU OE2  O N N 53  
GLU OXT  O N N 54  
GLU H    H N N 55  
GLU H2   H N N 56  
GLU HA   H N N 57  
GLU HB2  H N N 58  
GLU HB3  H N N 59  
GLU HG2  H N N 60  
GLU HG3  H N N 61  
GLU HE2  H N N 62  
GLU HXT  H N N 63  
GLY N    N N N 64  
GLY CA   C N N 65  
GLY C    C N N 66  
GLY O    O N N 67  
GLY OXT  O N N 68  
GLY H    H N N 69  
GLY H2   H N N 70  
GLY HA2  H N N 71  
GLY HA3  H N N 72  
GLY HXT  H N N 73  
HIS N    N N N 74  
HIS CA   C N S 75  
HIS C    C N N 76  
HIS O    O N N 77  
HIS CB   C N N 78  
HIS CG   C Y N 79  
HIS ND1  N Y N 80  
HIS CD2  C Y N 81  
HIS CE1  C Y N 82  
HIS NE2  N Y N 83  
HIS OXT  O N N 84  
HIS H    H N N 85  
HIS H2   H N N 86  
HIS HA   H N N 87  
HIS HB2  H N N 88  
HIS HB3  H N N 89  
HIS HD1  H N N 90  
HIS HD2  H N N 91  
HIS HE1  H N N 92  
HIS HE2  H N N 93  
HIS HXT  H N N 94  
ILE N    N N N 95  
ILE CA   C N S 96  
ILE C    C N N 97  
ILE O    O N N 98  
ILE CB   C N S 99  
ILE CG1  C N N 100 
ILE CG2  C N N 101 
ILE CD1  C N N 102 
ILE OXT  O N N 103 
ILE H    H N N 104 
ILE H2   H N N 105 
ILE HA   H N N 106 
ILE HB   H N N 107 
ILE HG12 H N N 108 
ILE HG13 H N N 109 
ILE HG21 H N N 110 
ILE HG22 H N N 111 
ILE HG23 H N N 112 
ILE HD11 H N N 113 
ILE HD12 H N N 114 
ILE HD13 H N N 115 
ILE HXT  H N N 116 
LEU N    N N N 117 
LEU CA   C N S 118 
LEU C    C N N 119 
LEU O    O N N 120 
LEU CB   C N N 121 
LEU CG   C N N 122 
LEU CD1  C N N 123 
LEU CD2  C N N 124 
LEU OXT  O N N 125 
LEU H    H N N 126 
LEU H2   H N N 127 
LEU HA   H N N 128 
LEU HB2  H N N 129 
LEU HB3  H N N 130 
LEU HG   H N N 131 
LEU HD11 H N N 132 
LEU HD12 H N N 133 
LEU HD13 H N N 134 
LEU HD21 H N N 135 
LEU HD22 H N N 136 
LEU HD23 H N N 137 
LEU HXT  H N N 138 
PHE N    N N N 139 
PHE CA   C N S 140 
PHE C    C N N 141 
PHE O    O N N 142 
PHE CB   C N N 143 
PHE CG   C Y N 144 
PHE CD1  C Y N 145 
PHE CD2  C Y N 146 
PHE CE1  C Y N 147 
PHE CE2  C Y N 148 
PHE CZ   C Y N 149 
PHE OXT  O N N 150 
PHE H    H N N 151 
PHE H2   H N N 152 
PHE HA   H N N 153 
PHE HB2  H N N 154 
PHE HB3  H N N 155 
PHE HD1  H N N 156 
PHE HD2  H N N 157 
PHE HE1  H N N 158 
PHE HE2  H N N 159 
PHE HZ   H N N 160 
PHE HXT  H N N 161 
PRO N    N N N 162 
PRO CA   C N S 163 
PRO C    C N N 164 
PRO O    O N N 165 
PRO CB   C N N 166 
PRO CG   C N N 167 
PRO CD   C N N 168 
PRO OXT  O N N 169 
PRO H    H N N 170 
PRO HA   H N N 171 
PRO HB2  H N N 172 
PRO HB3  H N N 173 
PRO HG2  H N N 174 
PRO HG3  H N N 175 
PRO HD2  H N N 176 
PRO HD3  H N N 177 
PRO HXT  H N N 178 
SER N    N N N 179 
SER CA   C N S 180 
SER C    C N N 181 
SER O    O N N 182 
SER CB   C N N 183 
SER OG   O N N 184 
SER OXT  O N N 185 
SER H    H N N 186 
SER H2   H N N 187 
SER HA   H N N 188 
SER HB2  H N N 189 
SER HB3  H N N 190 
SER HG   H N N 191 
SER HXT  H N N 192 
THR N    N N N 193 
THR CA   C N S 194 
THR C    C N N 195 
THR O    O N N 196 
THR CB   C N R 197 
THR OG1  O N N 198 
THR CG2  C N N 199 
THR OXT  O N N 200 
THR H    H N N 201 
THR H2   H N N 202 
THR HA   H N N 203 
THR HB   H N N 204 
THR HG1  H N N 205 
THR HG21 H N N 206 
THR HG22 H N N 207 
THR HG23 H N N 208 
THR HXT  H N N 209 
TYR N    N N N 210 
TYR CA   C N S 211 
TYR C    C N N 212 
TYR O    O N N 213 
TYR CB   C N N 214 
TYR CG   C Y N 215 
TYR CD1  C Y N 216 
TYR CD2  C Y N 217 
TYR CE1  C Y N 218 
TYR CE2  C Y N 219 
TYR CZ   C Y N 220 
TYR OH   O N N 221 
TYR OXT  O N N 222 
TYR H    H N N 223 
TYR H2   H N N 224 
TYR HA   H N N 225 
TYR HB2  H N N 226 
TYR HB3  H N N 227 
TYR HD1  H N N 228 
TYR HD2  H N N 229 
TYR HE1  H N N 230 
TYR HE2  H N N 231 
TYR HH   H N N 232 
TYR HXT  H N N 233 
VAL N    N N N 234 
VAL CA   C N S 235 
VAL C    C N N 236 
VAL O    O N N 237 
VAL CB   C N N 238 
VAL CG1  C N N 239 
VAL CG2  C N N 240 
VAL OXT  O N N 241 
VAL H    H N N 242 
VAL H2   H N N 243 
VAL HA   H N N 244 
VAL HB   H N N 245 
VAL HG11 H N N 246 
VAL HG12 H N N 247 
VAL HG13 H N N 248 
VAL HG21 H N N 249 
VAL HG22 H N N 250 
VAL HG23 H N N 251 
VAL HXT  H N N 252 
# 
loop_
_chem_comp_bond.comp_id 
_chem_comp_bond.atom_id_1 
_chem_comp_bond.atom_id_2 
_chem_comp_bond.value_order 
_chem_comp_bond.pdbx_aromatic_flag 
_chem_comp_bond.pdbx_stereo_config 
_chem_comp_bond.pdbx_ordinal 
ALA N   CA   sing N N 1   
ALA N   H    sing N N 2   
ALA N   H2   sing N N 3   
ALA CA  C    sing N N 4   
ALA CA  CB   sing N N 5   
ALA CA  HA   sing N N 6   
ALA C   O    doub N N 7   
ALA C   OXT  sing N N 8   
ALA CB  HB1  sing N N 9   
ALA CB  HB2  sing N N 10  
ALA CB  HB3  sing N N 11  
ALA OXT HXT  sing N N 12  
ASN N   CA   sing N N 13  
ASN N   H    sing N N 14  
ASN N   H2   sing N N 15  
ASN CA  C    sing N N 16  
ASN CA  CB   sing N N 17  
ASN CA  HA   sing N N 18  
ASN C   O    doub N N 19  
ASN C   OXT  sing N N 20  
ASN CB  CG   sing N N 21  
ASN CB  HB2  sing N N 22  
ASN CB  HB3  sing N N 23  
ASN CG  OD1  doub N N 24  
ASN CG  ND2  sing N N 25  
ASN ND2 HD21 sing N N 26  
ASN ND2 HD22 sing N N 27  
ASN OXT HXT  sing N N 28  
CYS N   CA   sing N N 29  
CYS N   H    sing N N 30  
CYS N   H2   sing N N 31  
CYS CA  C    sing N N 32  
CYS CA  CB   sing N N 33  
CYS CA  HA   sing N N 34  
CYS C   O    doub N N 35  
CYS C   OXT  sing N N 36  
CYS CB  SG   sing N N 37  
CYS CB  HB2  sing N N 38  
CYS CB  HB3  sing N N 39  
CYS SG  HG   sing N N 40  
CYS OXT HXT  sing N N 41  
GLU N   CA   sing N N 42  
GLU N   H    sing N N 43  
GLU N   H2   sing N N 44  
GLU CA  C    sing N N 45  
GLU CA  CB   sing N N 46  
GLU CA  HA   sing N N 47  
GLU C   O    doub N N 48  
GLU C   OXT  sing N N 49  
GLU CB  CG   sing N N 50  
GLU CB  HB2  sing N N 51  
GLU CB  HB3  sing N N 52  
GLU CG  CD   sing N N 53  
GLU CG  HG2  sing N N 54  
GLU CG  HG3  sing N N 55  
GLU CD  OE1  doub N N 56  
GLU CD  OE2  sing N N 57  
GLU OE2 HE2  sing N N 58  
GLU OXT HXT  sing N N 59  
GLY N   CA   sing N N 60  
GLY N   H    sing N N 61  
GLY N   H2   sing N N 62  
GLY CA  C    sing N N 63  
GLY CA  HA2  sing N N 64  
GLY CA  HA3  sing N N 65  
GLY C   O    doub N N 66  
GLY C   OXT  sing N N 67  
GLY OXT HXT  sing N N 68  
HIS N   CA   sing N N 69  
HIS N   H    sing N N 70  
HIS N   H2   sing N N 71  
HIS CA  C    sing N N 72  
HIS CA  CB   sing N N 73  
HIS CA  HA   sing N N 74  
HIS C   O    doub N N 75  
HIS C   OXT  sing N N 76  
HIS CB  CG   sing N N 77  
HIS CB  HB2  sing N N 78  
HIS CB  HB3  sing N N 79  
HIS CG  ND1  sing Y N 80  
HIS CG  CD2  doub Y N 81  
HIS ND1 CE1  doub Y N 82  
HIS ND1 HD1  sing N N 83  
HIS CD2 NE2  sing Y N 84  
HIS CD2 HD2  sing N N 85  
HIS CE1 NE2  sing Y N 86  
HIS CE1 HE1  sing N N 87  
HIS NE2 HE2  sing N N 88  
HIS OXT HXT  sing N N 89  
ILE N   CA   sing N N 90  
ILE N   H    sing N N 91  
ILE N   H2   sing N N 92  
ILE CA  C    sing N N 93  
ILE CA  CB   sing N N 94  
ILE CA  HA   sing N N 95  
ILE C   O    doub N N 96  
ILE C   OXT  sing N N 97  
ILE CB  CG1  sing N N 98  
ILE CB  CG2  sing N N 99  
ILE CB  HB   sing N N 100 
ILE CG1 CD1  sing N N 101 
ILE CG1 HG12 sing N N 102 
ILE CG1 HG13 sing N N 103 
ILE CG2 HG21 sing N N 104 
ILE CG2 HG22 sing N N 105 
ILE CG2 HG23 sing N N 106 
ILE CD1 HD11 sing N N 107 
ILE CD1 HD12 sing N N 108 
ILE CD1 HD13 sing N N 109 
ILE OXT HXT  sing N N 110 
LEU N   CA   sing N N 111 
LEU N   H    sing N N 112 
LEU N   H2   sing N N 113 
LEU CA  C    sing N N 114 
LEU CA  CB   sing N N 115 
LEU CA  HA   sing N N 116 
LEU C   O    doub N N 117 
LEU C   OXT  sing N N 118 
LEU CB  CG   sing N N 119 
LEU CB  HB2  sing N N 120 
LEU CB  HB3  sing N N 121 
LEU CG  CD1  sing N N 122 
LEU CG  CD2  sing N N 123 
LEU CG  HG   sing N N 124 
LEU CD1 HD11 sing N N 125 
LEU CD1 HD12 sing N N 126 
LEU CD1 HD13 sing N N 127 
LEU CD2 HD21 sing N N 128 
LEU CD2 HD22 sing N N 129 
LEU CD2 HD23 sing N N 130 
LEU OXT HXT  sing N N 131 
PHE N   CA   sing N N 132 
PHE N   H    sing N N 133 
PHE N   H2   sing N N 134 
PHE CA  C    sing N N 135 
PHE CA  CB   sing N N 136 
PHE CA  HA   sing N N 137 
PHE C   O    doub N N 138 
PHE C   OXT  sing N N 139 
PHE CB  CG   sing N N 140 
PHE CB  HB2  sing N N 141 
PHE CB  HB3  sing N N 142 
PHE CG  CD1  doub Y N 143 
PHE CG  CD2  sing Y N 144 
PHE CD1 CE1  sing Y N 145 
PHE CD1 HD1  sing N N 146 
PHE CD2 CE2  doub Y N 147 
PHE CD2 HD2  sing N N 148 
PHE CE1 CZ   doub Y N 149 
PHE CE1 HE1  sing N N 150 
PHE CE2 CZ   sing Y N 151 
PHE CE2 HE2  sing N N 152 
PHE CZ  HZ   sing N N 153 
PHE OXT HXT  sing N N 154 
PRO N   CA   sing N N 155 
PRO N   CD   sing N N 156 
PRO N   H    sing N N 157 
PRO CA  C    sing N N 158 
PRO CA  CB   sing N N 159 
PRO CA  HA   sing N N 160 
PRO C   O    doub N N 161 
PRO C   OXT  sing N N 162 
PRO CB  CG   sing N N 163 
PRO CB  HB2  sing N N 164 
PRO CB  HB3  sing N N 165 
PRO CG  CD   sing N N 166 
PRO CG  HG2  sing N N 167 
PRO CG  HG3  sing N N 168 
PRO CD  HD2  sing N N 169 
PRO CD  HD3  sing N N 170 
PRO OXT HXT  sing N N 171 
SER N   CA   sing N N 172 
SER N   H    sing N N 173 
SER N   H2   sing N N 174 
SER CA  C    sing N N 175 
SER CA  CB   sing N N 176 
SER CA  HA   sing N N 177 
SER C   O    doub N N 178 
SER C   OXT  sing N N 179 
SER CB  OG   sing N N 180 
SER CB  HB2  sing N N 181 
SER CB  HB3  sing N N 182 
SER OG  HG   sing N N 183 
SER OXT HXT  sing N N 184 
THR N   CA   sing N N 185 
THR N   H    sing N N 186 
THR N   H2   sing N N 187 
THR CA  C    sing N N 188 
THR CA  CB   sing N N 189 
THR CA  HA   sing N N 190 
THR C   O    doub N N 191 
THR C   OXT  sing N N 192 
THR CB  OG1  sing N N 193 
THR CB  CG2  sing N N 194 
THR CB  HB   sing N N 195 
THR OG1 HG1  sing N N 196 
THR CG2 HG21 sing N N 197 
THR CG2 HG22 sing N N 198 
THR CG2 HG23 sing N N 199 
THR OXT HXT  sing N N 200 
TYR N   CA   sing N N 201 
TYR N   H    sing N N 202 
TYR N   H2   sing N N 203 
TYR CA  C    sing N N 204 
TYR CA  CB   sing N N 205 
TYR CA  HA   sing N N 206 
TYR C   O    doub N N 207 
TYR C   OXT  sing N N 208 
TYR CB  CG   sing N N 209 
TYR CB  HB2  sing N N 210 
TYR CB  HB3  sing N N 211 
TYR CG  CD1  doub Y N 212 
TYR CG  CD2  sing Y N 213 
TYR CD1 CE1  sing Y N 214 
TYR CD1 HD1  sing N N 215 
TYR CD2 CE2  doub Y N 216 
TYR CD2 HD2  sing N N 217 
TYR CE1 CZ   doub Y N 218 
TYR CE1 HE1  sing N N 219 
TYR CE2 CZ   sing Y N 220 
TYR CE2 HE2  sing N N 221 
TYR CZ  OH   sing N N 222 
TYR OH  HH   sing N N 223 
TYR OXT HXT  sing N N 224 
VAL N   CA   sing N N 225 
VAL N   H    sing N N 226 
VAL N   H2   sing N N 227 
VAL CA  C    sing N N 228 
VAL CA  CB   sing N N 229 
VAL CA  HA   sing N N 230 
VAL C   O    doub N N 231 
VAL C   OXT  sing N N 232 
VAL CB  CG1  sing N N 233 
VAL CB  CG2  sing N N 234 
VAL CB  HB   sing N N 235 
VAL CG1 HG11 sing N N 236 
VAL CG1 HG12 sing N N 237 
VAL CG1 HG13 sing N N 238 
VAL CG2 HG21 sing N N 239 
VAL CG2 HG22 sing N N 240 
VAL CG2 HG23 sing N N 241 
VAL OXT HXT  sing N N 242 
# 
_pdbx_nmr_spectrometer.spectrometer_id   1 
_pdbx_nmr_spectrometer.type              ? 
_pdbx_nmr_spectrometer.manufacturer      Bruker 
_pdbx_nmr_spectrometer.model             AMX 
_pdbx_nmr_spectrometer.field_strength    600 
# 
_atom_sites.entry_id                    1EDS 
_atom_sites.fract_transf_matrix[1][1]   1.000000 
_atom_sites.fract_transf_matrix[1][2]   0.000000 
_atom_sites.fract_transf_matrix[1][3]   0.000000 
_atom_sites.fract_transf_matrix[2][1]   0.000000 
_atom_sites.fract_transf_matrix[2][2]   1.000000 
_atom_sites.fract_transf_matrix[2][3]   0.000000 
_atom_sites.fract_transf_matrix[3][1]   0.000000 
_atom_sites.fract_transf_matrix[3][2]   0.000000 
_atom_sites.fract_transf_matrix[3][3]   1.000000 
_atom_sites.fract_transf_vector[1]      0.00000 
_atom_sites.fract_transf_vector[2]      0.00000 
_atom_sites.fract_transf_vector[3]      0.00000 
# 
loop_
_atom_type.symbol 
C 
H 
N 
O 
S 
# 
loop_
_atom_site.group_PDB 
_atom_site.id 
_atom_site.type_symbol 
_atom_site.label_atom_id 
_atom_site.label_alt_id 
_atom_site.label_comp_id 
_atom_site.label_asym_id 
_atom_site.label_entity_id 
_atom_site.label_seq_id 
_atom_site.pdbx_PDB_ins_code 
_atom_site.Cartn_x 
_atom_site.Cartn_y 
_atom_site.Cartn_z 
_atom_site.occupancy 
_atom_site.B_iso_or_equiv 
_atom_site.pdbx_formal_charge 
_atom_site.auth_seq_id 
_atom_site.auth_comp_id 
_atom_site.auth_asym_id 
_atom_site.auth_atom_id 
_atom_site.pdbx_PDB_model_num 
ATOM 1   N N    . THR A 1 1  ? -1.988  8.758   -4.297 1.00 -0.26 ? 1  THR A N    1 
ATOM 2   C CA   . THR A 1 1  ? -0.883  7.945   -3.754 1.00 0.04  ? 1  THR A CA   1 
ATOM 3   C C    . THR A 1 1  ? -0.917  6.579   -4.433 1.00 0.62  ? 1  THR A C    1 
ATOM 4   O O    . THR A 1 1  ? -2.009  6.121   -4.767 1.00 -0.50 ? 1  THR A O    1 
ATOM 5   C CB   . THR A 1 1  ? -0.995  7.790   -2.225 1.00 0.17  ? 1  THR A CB   1 
ATOM 6   O OG1  . THR A 1 1  ? 0.050   6.963   -1.770 1.00 -0.55 ? 1  THR A OG1  1 
ATOM 7   C CG2  . THR A 1 1  ? -2.332  7.190   -1.772 1.00 -0.19 ? 1  THR A CG2  1 
ATOM 8   H H1   . THR A 1 1  ? -2.817  8.179   -4.257 1.00 0.31  ? 1  THR A H1   1 
ATOM 9   H H2   . THR A 1 1  ? -2.125  9.618   -3.770 1.00 0.31  ? 1  THR A H2   1 
ATOM 10  H H3   . THR A 1 1  ? -1.805  8.972   -5.266 1.00 0.31  ? 1  THR A H3   1 
ATOM 11  H HA   . THR A 1 1  ? 0.062   8.441   -3.985 1.00 0.05  ? 1  THR A HA   1 
ATOM 12  H HB   . THR A 1 1  ? -0.869  8.766   -1.754 1.00 0.08  ? 1  THR A HB   1 
ATOM 13  H HG1  . THR A 1 1  ? -0.207  6.548   -0.932 1.00 0.31  ? 1  THR A HG1  1 
ATOM 14  H HG21 . THR A 1 1  ? -2.457  6.182   -2.160 1.00 0.07  ? 1  THR A HG21 1 
ATOM 15  H HG22 . THR A 1 1  ? -2.357  7.143   -0.682 1.00 0.07  ? 1  THR A HG22 1 
ATOM 16  H HG23 . THR A 1 1  ? -3.171  7.791   -2.107 1.00 0.07  ? 1  THR A HG23 1 
ATOM 17  N N    . THR A 1 2  ? 0.224   5.910   -4.596 1.00 -0.46 ? 2  THR A N    1 
ATOM 18  C CA   . THR A 1 2  ? 0.315   4.510   -4.991 1.00 0.04  ? 2  THR A CA   1 
ATOM 19  C C    . THR A 1 2  ? -0.006  3.637   -3.769 1.00 0.62  ? 2  THR A C    1 
ATOM 20  O O    . THR A 1 2  ? 0.782   2.780   -3.366 1.00 -0.50 ? 2  THR A O    1 
ATOM 21  C CB   . THR A 1 2  ? 1.742   4.287   -5.518 1.00 0.17  ? 2  THR A CB   1 
ATOM 22  O OG1  . THR A 1 2  ? 2.644   5.037   -4.721 1.00 -0.55 ? 2  THR A OG1  1 
ATOM 23  C CG2  . THR A 1 2  ? 1.861   4.786   -6.962 1.00 -0.19 ? 2  THR A CG2  1 
ATOM 24  H H    . THR A 1 2  ? 1.106   6.294   -4.272 1.00 0.25  ? 2  THR A H    1 
ATOM 25  H HA   . THR A 1 2  ? -0.406  4.277   -5.776 1.00 0.05  ? 2  THR A HA   1 
ATOM 26  H HB   . THR A 1 2  ? 1.999   3.226   -5.496 1.00 0.08  ? 2  THR A HB   1 
ATOM 27  H HG1  . THR A 1 2  ? 3.543   4.784   -4.948 1.00 0.31  ? 2  THR A HG1  1 
ATOM 28  H HG21 . THR A 1 2  ? 1.618   5.847   -7.016 1.00 0.07  ? 2  THR A HG21 1 
ATOM 29  H HG22 . THR A 1 2  ? 2.880   4.636   -7.320 1.00 0.07  ? 2  THR A HG22 1 
ATOM 30  H HG23 . THR A 1 2  ? 1.178   4.230   -7.604 1.00 0.07  ? 2  THR A HG23 1 
ATOM 31  N N    . LEU A 1 3  ? -1.162  3.899   -3.150 1.00 -0.46 ? 3  LEU A N    1 
ATOM 32  C CA   . LEU A 1 3  ? -1.509  3.494   -1.794 1.00 0.04  ? 3  LEU A CA   1 
ATOM 33  C C    . LEU A 1 3  ? -0.501  4.041   -0.778 1.00 0.62  ? 3  LEU A C    1 
ATOM 34  O O    . LEU A 1 3  ? -0.818  4.981   -0.051 1.00 -0.50 ? 3  LEU A O    1 
ATOM 35  C CB   . LEU A 1 3  ? -1.715  1.977   -1.676 1.00 -0.06 ? 3  LEU A CB   1 
ATOM 36  C CG   . LEU A 1 3  ? -2.708  1.413   -2.704 1.00 -0.01 ? 3  LEU A CG   1 
ATOM 37  C CD1  . LEU A 1 3  ? -2.994  -0.038  -2.321 1.00 -0.11 ? 3  LEU A CD1  1 
ATOM 38  C CD2  . LEU A 1 3  ? -4.033  2.185   -2.764 1.00 -0.11 ? 3  LEU A CD2  1 
ATOM 39  H H    . LEU A 1 3  ? -1.779  4.560   -3.606 1.00 0.25  ? 3  LEU A H    1 
ATOM 40  H HA   . LEU A 1 3  ? -2.463  3.959   -1.547 1.00 0.05  ? 3  LEU A HA   1 
ATOM 41  H HB2  . LEU A 1 3  ? -0.767  1.453   -1.796 1.00 0.03  ? 3  LEU A HB2  1 
ATOM 42  H HB3  . LEU A 1 3  ? -2.086  1.770   -0.671 1.00 0.03  ? 3  LEU A HB3  1 
ATOM 43  H HG   . LEU A 1 3  ? -2.251  1.430   -3.694 1.00 0.03  ? 3  LEU A HG   1 
ATOM 44  H HD11 . LEU A 1 3  ? -3.506  -0.062  -1.363 1.00 0.03  ? 3  LEU A HD11 1 
ATOM 45  H HD12 . LEU A 1 3  ? -3.617  -0.515  -3.078 1.00 0.03  ? 3  LEU A HD12 1 
ATOM 46  H HD13 . LEU A 1 3  ? -2.057  -0.582  -2.230 1.00 0.03  ? 3  LEU A HD13 1 
ATOM 47  H HD21 . LEU A 1 3  ? -3.878  3.177   -3.187 1.00 0.03  ? 3  LEU A HD21 1 
ATOM 48  H HD22 . LEU A 1 3  ? -4.737  1.652   -3.403 1.00 0.03  ? 3  LEU A HD22 1 
ATOM 49  H HD23 . LEU A 1 3  ? -4.457  2.279   -1.766 1.00 0.03  ? 3  LEU A HD23 1 
ATOM 50  N N    . TYR A 1 4  ? 0.713   3.482   -0.748 1.00 -0.46 ? 4  TYR A N    1 
ATOM 51  C CA   . TYR A 1 4  ? 1.765   3.819   0.206  1.00 0.04  ? 4  TYR A CA   1 
ATOM 52  C C    . TYR A 1 4  ? 1.208   3.770   1.632  1.00 0.62  ? 4  TYR A C    1 
ATOM 53  O O    . TYR A 1 4  ? 1.204   4.767   2.347  1.00 -0.50 ? 4  TYR A O    1 
ATOM 54  C CB   . TYR A 1 4  ? 2.404   5.169   -0.156 1.00 -0.10 ? 4  TYR A CB   1 
ATOM 55  C CG   . TYR A 1 4  ? 3.632   5.523   0.661  1.00 -0.03 ? 4  TYR A CG   1 
ATOM 56  C CD1  . TYR A 1 4  ? 4.826   4.801   0.484  1.00 0.00  ? 4  TYR A CD1  1 
ATOM 57  C CD2  . TYR A 1 4  ? 3.579   6.565   1.608  1.00 0.00  ? 4  TYR A CD2  1 
ATOM 58  C CE1  . TYR A 1 4  ? 5.958   5.112   1.257  1.00 -0.26 ? 4  TYR A CE1  1 
ATOM 59  C CE2  . TYR A 1 4  ? 4.715   6.882   2.373  1.00 -0.26 ? 4  TYR A CE2  1 
ATOM 60  C CZ   . TYR A 1 4  ? 5.902   6.151   2.201  1.00 0.46  ? 4  TYR A CZ   1 
ATOM 61  O OH   . TYR A 1 4  ? 7.005   6.448   2.944  1.00 -0.53 ? 4  TYR A OH   1 
ATOM 62  H H    . TYR A 1 4  ? 0.933   2.833   -1.496 1.00 0.25  ? 4  TYR A H    1 
ATOM 63  H HA   . TYR A 1 4  ? 2.535   3.051   0.124  1.00 0.05  ? 4  TYR A HA   1 
ATOM 64  H HB2  . TYR A 1 4  ? 2.693   5.147   -1.208 1.00 0.04  ? 4  TYR A HB2  1 
ATOM 65  H HB3  . TYR A 1 4  ? 1.664   5.957   -0.029 1.00 0.04  ? 4  TYR A HB3  1 
ATOM 66  H HD1  . TYR A 1 4  ? 4.878   4.005   -0.245 1.00 0.06  ? 4  TYR A HD1  1 
ATOM 67  H HD2  . TYR A 1 4  ? 2.665   7.118   1.762  1.00 0.06  ? 4  TYR A HD2  1 
ATOM 68  H HE1  . TYR A 1 4  ? 6.874   4.554   1.125  1.00 0.10  ? 4  TYR A HE1  1 
ATOM 69  H HE2  . TYR A 1 4  ? 4.664   7.687   3.091  1.00 0.10  ? 4  TYR A HE2  1 
ATOM 70  H HH   . TYR A 1 4  ? 6.860   7.176   3.552  1.00 0.33  ? 4  TYR A HH   1 
ATOM 71  N N    . THR A 1 5  ? 0.721   2.584   2.014  1.00 -0.46 ? 5  THR A N    1 
ATOM 72  C CA   . THR A 1 5  ? -0.002  2.318   3.251  1.00 0.04  ? 5  THR A CA   1 
ATOM 73  C C    . THR A 1 5  ? -1.023  3.427   3.532  1.00 0.62  ? 5  THR A C    1 
ATOM 74  O O    . THR A 1 5  ? -0.814  4.288   4.378  1.00 -0.50 ? 5  THR A O    1 
ATOM 75  C CB   . THR A 1 5  ? 0.961   1.968   4.405  1.00 0.17  ? 5  THR A CB   1 
ATOM 76  O OG1  . THR A 1 5  ? 0.215   1.617   5.554  1.00 -0.55 ? 5  THR A OG1  1 
ATOM 77  C CG2  . THR A 1 5  ? 2.001   3.036   4.768  1.00 -0.19 ? 5  THR A CG2  1 
ATOM 78  H H    . THR A 1 5  ? 0.795   1.831   1.351  1.00 0.25  ? 5  THR A H    1 
ATOM 79  H HA   . THR A 1 5  ? -0.586  1.413   3.084  1.00 0.05  ? 5  THR A HA   1 
ATOM 80  H HB   . THR A 1 5  ? 1.518   1.080   4.102  1.00 0.08  ? 5  THR A HB   1 
ATOM 81  H HG1  . THR A 1 5  ? 0.820   1.361   6.254  1.00 0.31  ? 5  THR A HG1  1 
ATOM 82  H HG21 . THR A 1 5  ? 1.523   3.971   5.056  1.00 0.07  ? 5  THR A HG21 1 
ATOM 83  H HG22 . THR A 1 5  ? 2.607   2.686   5.604  1.00 0.07  ? 5  THR A HG22 1 
ATOM 84  H HG23 . THR A 1 5  ? 2.664   3.219   3.923  1.00 0.07  ? 5  THR A HG23 1 
ATOM 85  N N    . SER A 1 6  ? -2.141  3.392   2.797  1.00 -0.46 ? 6  SER A N    1 
ATOM 86  C CA   . SER A 1 6  ? -3.146  4.441   2.691  1.00 0.04  ? 6  SER A CA   1 
ATOM 87  C C    . SER A 1 6  ? -3.553  5.092   4.018  1.00 0.62  ? 6  SER A C    1 
ATOM 88  O O    . SER A 1 6  ? -3.897  6.270   4.025  1.00 -0.50 ? 6  SER A O    1 
ATOM 89  C CB   . SER A 1 6  ? -4.356  3.859   1.957  1.00 0.02  ? 6  SER A CB   1 
ATOM 90  O OG   . SER A 1 6  ? -3.905  2.949   0.965  1.00 -0.55 ? 6  SER A OG   1 
ATOM 91  H H    . SER A 1 6  ? -2.264  2.662   2.106  1.00 0.25  ? 6  SER A H    1 
ATOM 92  H HA   . SER A 1 6  ? -2.715  5.219   2.058  1.00 0.05  ? 6  SER A HA   1 
ATOM 93  H HB2  . SER A 1 6  ? -5.002  3.341   2.668  1.00 0.12  ? 6  SER A HB2  1 
ATOM 94  H HB3  . SER A 1 6  ? -4.919  4.671   1.496  1.00 0.12  ? 6  SER A HB3  1 
ATOM 95  H HG   . SER A 1 6  ? -4.658  2.667   0.439  1.00 0.31  ? 6  SER A HG   1 
ATOM 96  N N    . LEU A 1 7  ? -3.488  4.347   5.130  1.00 -0.46 ? 7  LEU A N    1 
ATOM 97  C CA   . LEU A 1 7  ? -3.509  4.856   6.504  1.00 0.04  ? 7  LEU A CA   1 
ATOM 98  C C    . LEU A 1 7  ? -2.865  6.247   6.598  1.00 0.62  ? 7  LEU A C    1 
ATOM 99  O O    . LEU A 1 7  ? -3.426  7.159   7.205  1.00 -0.50 ? 7  LEU A O    1 
ATOM 100 C CB   . LEU A 1 7  ? -2.793  3.820   7.392  1.00 -0.06 ? 7  LEU A CB   1 
ATOM 101 C CG   . LEU A 1 7  ? -2.724  4.090   8.907  1.00 -0.01 ? 7  LEU A CG   1 
ATOM 102 C CD1  . LEU A 1 7  ? -1.669  5.131   9.306  1.00 -0.11 ? 7  LEU A CD1  1 
ATOM 103 C CD2  . LEU A 1 7  ? -4.088  4.443   9.509  1.00 -0.11 ? 7  LEU A CD2  1 
ATOM 104 H H    . LEU A 1 7  ? -3.182  3.393   5.009  1.00 0.25  ? 7  LEU A H    1 
ATOM 105 H HA   . LEU A 1 7  ? -4.548  4.937   6.812  1.00 0.05  ? 7  LEU A HA   1 
ATOM 106 H HB2  . LEU A 1 7  ? -3.322  2.874   7.266  1.00 0.03  ? 7  LEU A HB2  1 
ATOM 107 H HB3  . LEU A 1 7  ? -1.776  3.676   7.022  1.00 0.03  ? 7  LEU A HB3  1 
ATOM 108 H HG   . LEU A 1 7  ? -2.406  3.151   9.363  1.00 0.03  ? 7  LEU A HG   1 
ATOM 109 H HD11 . LEU A 1 7  ? -2.000  6.142   9.084  1.00 0.03  ? 7  LEU A HD11 1 
ATOM 110 H HD12 . LEU A 1 7  ? -1.492  5.064   10.380 1.00 0.03  ? 7  LEU A HD12 1 
ATOM 111 H HD13 . LEU A 1 7  ? -0.731  4.932   8.787  1.00 0.03  ? 7  LEU A HD13 1 
ATOM 112 H HD21 . LEU A 1 7  ? -4.810  3.666   9.257  1.00 0.03  ? 7  LEU A HD21 1 
ATOM 113 H HD22 . LEU A 1 7  ? -4.002  4.501   10.594 1.00 0.03  ? 7  LEU A HD22 1 
ATOM 114 H HD23 . LEU A 1 7  ? -4.438  5.404   9.134  1.00 0.03  ? 7  LEU A HD23 1 
ATOM 115 N N    . HIS A 1 8  ? -1.703  6.402   5.958  1.00 -0.46 ? 8  HIS A N    1 
ATOM 116 C CA   . HIS A 1 8  ? -1.037  7.657   5.647  1.00 0.04  ? 8  HIS A CA   1 
ATOM 117 C C    . HIS A 1 8  ? -1.981  8.612   4.890  1.00 0.62  ? 8  HIS A C    1 
ATOM 118 O O    . HIS A 1 8  ? -1.869  8.806   3.678  1.00 -0.50 ? 8  HIS A O    1 
ATOM 119 C CB   . HIS A 1 8  ? 0.228   7.307   4.844  1.00 -0.10 ? 8  HIS A CB   1 
ATOM 120 C CG   . HIS A 1 8  ? 1.106   8.473   4.472  1.00 -0.03 ? 8  HIS A CG   1 
ATOM 121 N ND1  . HIS A 1 8  ? 0.773   9.469   3.584  1.00 -0.15 ? 8  HIS A ND1  1 
ATOM 122 C CD2  . HIS A 1 8  ? 2.419   8.651   4.818  1.00 0.20  ? 8  HIS A CD2  1 
ATOM 123 C CE1  . HIS A 1 8  ? 1.857   10.245  3.416  1.00 0.24  ? 8  HIS A CE1  1 
ATOM 124 N NE2  . HIS A 1 8  ? 2.887   9.785   4.146  1.00 -0.50 ? 8  HIS A NE2  1 
ATOM 125 H H    . HIS A 1 8  ? -1.328  5.580   5.500  1.00 0.25  ? 8  HIS A H    1 
ATOM 126 H HA   . HIS A 1 8  ? -0.730  8.131   6.581  1.00 0.05  ? 8  HIS A HA   1 
ATOM 127 H HB2  . HIS A 1 8  ? 0.825   6.603   5.426  1.00 0.04  ? 8  HIS A HB2  1 
ATOM 128 H HB3  . HIS A 1 8  ? -0.066  6.809   3.919  1.00 0.04  ? 8  HIS A HB3  1 
ATOM 129 H HD1  . HIS A 1 8  ? -0.140  9.572   3.156  1.00 0.23  ? 8  HIS A HD1  1 
ATOM 130 H HD2  . HIS A 1 8  ? 3.002   8.008   5.461  1.00 0.02  ? 8  HIS A HD2  1 
ATOM 131 H HE1  . HIS A 1 8  ? 1.897   11.114  2.776  1.00 0.04  ? 8  HIS A HE1  1 
ATOM 132 N N    . GLY A 1 9  ? -2.904  9.248   5.612  1.00 -0.46 ? 9  GLY A N    1 
ATOM 133 C CA   . GLY A 1 9  ? -3.779  10.288  5.092  1.00 0.04  ? 9  GLY A CA   1 
ATOM 134 C C    . GLY A 1 9  ? -4.968  9.698   4.338  1.00 0.62  ? 9  GLY A C    1 
ATOM 135 O O    . GLY A 1 9  ? -6.117  9.910   4.722  1.00 -0.50 ? 9  GLY A O    1 
ATOM 136 H H    . GLY A 1 9  ? -3.060  8.908   6.555  1.00 0.25  ? 9  GLY A H    1 
ATOM 137 H HA2  . GLY A 1 9  ? -4.147  10.878  5.931  1.00 0.03  ? 9  GLY A HA2  1 
ATOM 138 H HA3  . GLY A 1 9  ? -3.223  10.949  4.426  1.00 0.03  ? 9  GLY A HA3  1 
ATOM 139 N N    . TYR A 1 10 ? -4.708  8.939   3.274  1.00 -0.46 ? 10 TYR A N    1 
ATOM 140 C CA   . TYR A 1 10 ? -5.727  8.373   2.392  1.00 0.04  ? 10 TYR A CA   1 
ATOM 141 C C    . TYR A 1 10 ? -6.435  7.160   3.030  1.00 0.62  ? 10 TYR A C    1 
ATOM 142 O O    . TYR A 1 10 ? -6.700  6.170   2.347  1.00 -0.50 ? 10 TYR A O    1 
ATOM 143 C CB   . TYR A 1 10 ? -5.064  7.981   1.060  1.00 -0.10 ? 10 TYR A CB   1 
ATOM 144 C CG   . TYR A 1 10 ? -4.545  9.121   0.201  1.00 -0.03 ? 10 TYR A CG   1 
ATOM 145 C CD1  . TYR A 1 10 ? -3.285  9.689   0.469  1.00 0.00  ? 10 TYR A CD1  1 
ATOM 146 C CD2  . TYR A 1 10 ? -5.188  9.414   -1.020 1.00 0.00  ? 10 TYR A CD2  1 
ATOM 147 C CE1  . TYR A 1 10 ? -2.642  10.479  -0.500 1.00 -0.26 ? 10 TYR A CE1  1 
ATOM 148 C CE2  . TYR A 1 10 ? -4.522  10.161  -2.006 1.00 -0.26 ? 10 TYR A CE2  1 
ATOM 149 C CZ   . TYR A 1 10 ? -3.238  10.669  -1.756 1.00 0.46  ? 10 TYR A CZ   1 
ATOM 150 O OH   . TYR A 1 10 ? -2.456  11.038  -2.814 1.00 -0.53 ? 10 TYR A OH   1 
ATOM 151 H H    . TYR A 1 10 ? -3.736  8.697   3.108  1.00 0.25  ? 10 TYR A H    1 
ATOM 152 H HA   . TYR A 1 10 ? -6.484  9.131   2.185  1.00 0.05  ? 10 TYR A HA   1 
ATOM 153 H HB2  . TYR A 1 10 ? -4.238  7.301   1.271  1.00 0.04  ? 10 TYR A HB2  1 
ATOM 154 H HB3  . TYR A 1 10 ? -5.783  7.431   0.455  1.00 0.04  ? 10 TYR A HB3  1 
ATOM 155 H HD1  . TYR A 1 10 ? -2.767  9.463   1.386  1.00 0.06  ? 10 TYR A HD1  1 
ATOM 156 H HD2  . TYR A 1 10 ? -6.161  8.998   -1.239 1.00 0.06  ? 10 TYR A HD2  1 
ATOM 157 H HE1  . TYR A 1 10 ? -1.655  10.866  -0.296 1.00 0.10  ? 10 TYR A HE1  1 
ATOM 158 H HE2  . TYR A 1 10 ? -4.991  10.315  -2.968 1.00 0.10  ? 10 TYR A HE2  1 
ATOM 159 H HH   . TYR A 1 10 ? -1.792  11.682  -2.543 1.00 0.33  ? 10 TYR A HH   1 
ATOM 160 N N    . PHE A 1 11 ? -6.768  7.229   4.323  1.00 -0.46 ? 11 PHE A N    1 
ATOM 161 C CA   . PHE A 1 11 ? -7.253  6.102   5.115  1.00 0.04  ? 11 PHE A CA   1 
ATOM 162 C C    . PHE A 1 11 ? -8.370  5.349   4.389  1.00 0.62  ? 11 PHE A C    1 
ATOM 163 O O    . PHE A 1 11 ? -8.253  4.156   4.105  1.00 -0.50 ? 11 PHE A O    1 
ATOM 164 C CB   . PHE A 1 11 ? -7.712  6.616   6.488  1.00 -0.10 ? 11 PHE A CB   1 
ATOM 165 C CG   . PHE A 1 11 ? -8.423  5.579   7.336  1.00 -0.10 ? 11 PHE A CG   1 
ATOM 166 C CD1  . PHE A 1 11 ? -7.683  4.568   7.974  1.00 -0.15 ? 11 PHE A CD1  1 
ATOM 167 C CD2  . PHE A 1 11 ? -9.827  5.587   7.440  1.00 -0.15 ? 11 PHE A CD2  1 
ATOM 168 C CE1  . PHE A 1 11 ? -8.339  3.580   8.728  1.00 -0.15 ? 11 PHE A CE1  1 
ATOM 169 C CE2  . PHE A 1 11 ? -10.484 4.596   8.189  1.00 -0.15 ? 11 PHE A CE2  1 
ATOM 170 C CZ   . PHE A 1 11 ? -9.740  3.594   8.835  1.00 -0.15 ? 11 PHE A CZ   1 
ATOM 171 H H    . PHE A 1 11 ? -6.585  8.105   4.797  1.00 0.25  ? 11 PHE A H    1 
ATOM 172 H HA   . PHE A 1 11 ? -6.426  5.408   5.265  1.00 0.05  ? 11 PHE A HA   1 
ATOM 173 H HB2  . PHE A 1 11 ? -6.838  6.973   7.035  1.00 0.11  ? 11 PHE A HB2  1 
ATOM 174 H HB3  . PHE A 1 11 ? -8.378  7.468   6.349  1.00 0.11  ? 11 PHE A HB3  1 
ATOM 175 H HD1  . PHE A 1 11 ? -6.609  4.542   7.882  1.00 0.15  ? 11 PHE A HD1  1 
ATOM 176 H HD2  . PHE A 1 11 ? -10.413 6.348   6.946  1.00 0.15  ? 11 PHE A HD2  1 
ATOM 177 H HE1  . PHE A 1 11 ? -7.767  2.808   9.222  1.00 0.15  ? 11 PHE A HE1  1 
ATOM 178 H HE2  . PHE A 1 11 ? -11.562 4.602   8.266  1.00 0.15  ? 11 PHE A HE2  1 
ATOM 179 H HZ   . PHE A 1 11 ? -10.246 2.832   9.413  1.00 0.15  ? 11 PHE A HZ   1 
ATOM 180 N N    . VAL A 1 12 ? -9.430  6.085   4.046  1.00 -0.46 ? 12 VAL A N    1 
ATOM 181 C CA   . VAL A 1 12 ? -10.636 5.567   3.410  1.00 0.04  ? 12 VAL A CA   1 
ATOM 182 C C    . VAL A 1 12 ? -10.315 4.736   2.161  1.00 0.62  ? 12 VAL A C    1 
ATOM 183 O O    . VAL A 1 12 ? -11.055 3.814   1.829  1.00 -0.50 ? 12 VAL A O    1 
ATOM 184 C CB   . VAL A 1 12 ? -11.582 6.743   3.088  1.00 -0.01 ? 12 VAL A CB   1 
ATOM 185 C CG1  . VAL A 1 12 ? -12.870 6.270   2.400  1.00 -0.09 ? 12 VAL A CG1  1 
ATOM 186 C CG2  . VAL A 1 12 ? -11.977 7.500   4.366  1.00 -0.09 ? 12 VAL A CG2  1 
ATOM 187 H H    . VAL A 1 12 ? -9.396  7.067   4.262  1.00 0.25  ? 12 VAL A H    1 
ATOM 188 H HA   . VAL A 1 12 ? -11.134 4.907   4.123  1.00 0.05  ? 12 VAL A HA   1 
ATOM 189 H HB   . VAL A 1 12 ? -11.074 7.437   2.417  1.00 0.02  ? 12 VAL A HB   1 
ATOM 190 H HG11 . VAL A 1 12 ? -13.361 5.508   3.005  1.00 0.03  ? 12 VAL A HG11 1 
ATOM 191 H HG12 . VAL A 1 12 ? -13.551 7.112   2.269  1.00 0.03  ? 12 VAL A HG12 1 
ATOM 192 H HG13 . VAL A 1 12 ? -12.652 5.860   1.414  1.00 0.03  ? 12 VAL A HG13 1 
ATOM 193 H HG21 . VAL A 1 12 ? -11.107 7.954   4.841  1.00 0.03  ? 12 VAL A HG21 1 
ATOM 194 H HG22 . VAL A 1 12 ? -12.679 8.296   4.119  1.00 0.03  ? 12 VAL A HG22 1 
ATOM 195 H HG23 . VAL A 1 12 ? -12.453 6.817   5.071  1.00 0.03  ? 12 VAL A HG23 1 
ATOM 196 N N    . PHE A 1 13 ? -9.224  5.053   1.458  1.00 -0.46 ? 13 PHE A N    1 
ATOM 197 C CA   . PHE A 1 13 ? -8.898  4.399   0.202  1.00 0.04  ? 13 PHE A CA   1 
ATOM 198 C C    . PHE A 1 13 ? -8.319  2.996   0.410  1.00 0.62  ? 13 PHE A C    1 
ATOM 199 O O    . PHE A 1 13 ? -8.264  2.246   -0.559 1.00 -0.50 ? 13 PHE A O    1 
ATOM 200 C CB   . PHE A 1 13 ? -7.933  5.265   -0.618 1.00 -0.10 ? 13 PHE A CB   1 
ATOM 201 C CG   . PHE A 1 13 ? -8.509  6.591   -1.086 1.00 -0.10 ? 13 PHE A CG   1 
ATOM 202 C CD1  . PHE A 1 13 ? -8.579  7.694   -0.212 1.00 -0.15 ? 13 PHE A CD1  1 
ATOM 203 C CD2  . PHE A 1 13 ? -8.981  6.723   -2.407 1.00 -0.15 ? 13 PHE A CD2  1 
ATOM 204 C CE1  . PHE A 1 13 ? -9.093  8.923   -0.660 1.00 -0.15 ? 13 PHE A CE1  1 
ATOM 205 C CE2  . PHE A 1 13 ? -9.494  7.952   -2.855 1.00 -0.15 ? 13 PHE A CE2  1 
ATOM 206 C CZ   . PHE A 1 13 ? -9.545  9.054   -1.984 1.00 -0.15 ? 13 PHE A CZ   1 
ATOM 207 H H    . PHE A 1 13 ? -8.562  5.723   1.830  1.00 0.25  ? 13 PHE A H    1 
ATOM 208 H HA   . PHE A 1 13 ? -9.812  4.288   -0.386 1.00 0.05  ? 13 PHE A HA   1 
ATOM 209 H HB2  . PHE A 1 13 ? -7.027  5.442   -0.041 1.00 0.11  ? 13 PHE A HB2  1 
ATOM 210 H HB3  . PHE A 1 13 ? -7.639  4.690   -1.497 1.00 0.11  ? 13 PHE A HB3  1 
ATOM 211 H HD1  . PHE A 1 13 ? -8.247  7.606   0.808  1.00 0.15  ? 13 PHE A HD1  1 
ATOM 212 H HD2  . PHE A 1 13 ? -8.962  5.880   -3.081 1.00 0.15  ? 13 PHE A HD2  1 
ATOM 213 H HE1  . PHE A 1 13 ? -9.146  9.765   0.014  1.00 0.15  ? 13 PHE A HE1  1 
ATOM 214 H HE2  . PHE A 1 13 ? -9.858  8.047   -3.868 1.00 0.15  ? 13 PHE A HE2  1 
ATOM 215 H HZ   . PHE A 1 13 ? -9.946  9.997   -2.329 1.00 0.15  ? 13 PHE A HZ   1 
ATOM 216 N N    . GLY A 1 14 ? -7.844  2.655   1.617  1.00 -0.46 ? 14 GLY A N    1 
ATOM 217 C CA   . GLY A 1 14 ? -7.162  1.394   1.921  1.00 0.04  ? 14 GLY A CA   1 
ATOM 218 C C    . GLY A 1 14 ? -7.881  0.145   1.388  1.00 0.62  ? 14 GLY A C    1 
ATOM 219 O O    . GLY A 1 14 ? -8.842  -0.288  2.018  1.00 -0.50 ? 14 GLY A O    1 
ATOM 220 H H    . GLY A 1 14 ? -7.982  3.299   2.392  1.00 0.25  ? 14 GLY A H    1 
ATOM 221 H HA2  . GLY A 1 14 ? -6.129  1.430   1.582  1.00 0.03  ? 14 GLY A HA2  1 
ATOM 222 H HA3  . GLY A 1 14 ? -7.133  1.308   3.008  1.00 0.03  ? 14 GLY A HA3  1 
ATOM 223 N N    . PRO A 1 15 ? -7.433  -0.468  0.273  1.00 -0.23 ? 15 PRO A N    1 
ATOM 224 C CA   . PRO A 1 15 ? -8.109  -1.611  -0.326 1.00 0.04  ? 15 PRO A CA   1 
ATOM 225 C C    . PRO A 1 15 ? -7.816  -2.903  0.451  1.00 0.53  ? 15 PRO A C    1 
ATOM 226 O O    . PRO A 1 15 ? -8.617  -3.320  1.285  1.00 -0.50 ? 15 PRO A O    1 
ATOM 227 C CB   . PRO A 1 15 ? -7.667  -1.666  -1.802 1.00 -0.12 ? 15 PRO A CB   1 
ATOM 228 C CG   . PRO A 1 15 ? -6.880  -0.371  -2.019 1.00 -0.12 ? 15 PRO A CG   1 
ATOM 229 C CD   . PRO A 1 15 ? -6.386  -0.009  -0.622 1.00 -0.01 ? 15 PRO A CD   1 
ATOM 230 H HA   . PRO A 1 15 ? -9.185  -1.429  -0.303 1.00 0.05  ? 15 PRO A HA   1 
ATOM 231 H HB2  . PRO A 1 15 ? -7.019  -2.513  -2.022 1.00 0.06  ? 15 PRO A HB2  1 
ATOM 232 H HB3  . PRO A 1 15 ? -8.531  -1.705  -2.466 1.00 0.06  ? 15 PRO A HB3  1 
ATOM 233 H HG2  . PRO A 1 15 ? -6.063  -0.502  -2.728 1.00 0.06  ? 15 PRO A HG2  1 
ATOM 234 H HG3  . PRO A 1 15 ? -7.560  0.407   -2.370 1.00 0.06  ? 15 PRO A HG3  1 
ATOM 235 H HD2  . PRO A 1 15 ? -5.482  -0.564  -0.395 1.00 0.06  ? 15 PRO A HD2  1 
ATOM 236 H HD3  . PRO A 1 15 ? -6.169  1.055   -0.573 1.00 0.06  ? 15 PRO A HD3  1 
ATOM 237 N N    . THR A 1 16 ? -6.670  -3.549  0.218  1.00 -0.46 ? 16 THR A N    1 
ATOM 238 C CA   . THR A 1 16 ? -6.360  -4.875  0.744  1.00 0.04  ? 16 THR A CA   1 
ATOM 239 C C    . THR A 1 16 ? -5.792  -4.753  2.162  1.00 0.62  ? 16 THR A C    1 
ATOM 240 O O    . THR A 1 16 ? -4.766  -5.350  2.489  1.00 -0.50 ? 16 THR A O    1 
ATOM 241 C CB   . THR A 1 16 ? -5.395  -5.583  -0.227 1.00 0.17  ? 16 THR A CB   1 
ATOM 242 O OG1  . THR A 1 16 ? -5.757  -5.276  -1.561 1.00 -0.55 ? 16 THR A OG1  1 
ATOM 243 C CG2  . THR A 1 16 ? -5.426  -7.106  -0.063 1.00 -0.19 ? 16 THR A CG2  1 
ATOM 244 H H    . THR A 1 16 ? -5.987  -3.174  -0.434 1.00 0.25  ? 16 THR A H    1 
ATOM 245 H HA   . THR A 1 16 ? -7.282  -5.457  0.788  1.00 0.05  ? 16 THR A HA   1 
ATOM 246 H HB   . THR A 1 16 ? -4.376  -5.231  -0.059 1.00 0.08  ? 16 THR A HB   1 
ATOM 247 H HG1  . THR A 1 16 ? -5.098  -5.655  -2.148 1.00 0.31  ? 16 THR A HG1  1 
ATOM 248 H HG21 . THR A 1 16 ? -6.426  -7.487  -0.274 1.00 0.07  ? 16 THR A HG21 1 
ATOM 249 H HG22 . THR A 1 16 ? -4.718  -7.563  -0.757 1.00 0.07  ? 16 THR A HG22 1 
ATOM 250 H HG23 . THR A 1 16 ? -5.139  -7.387  0.949  1.00 0.07  ? 16 THR A HG23 1 
ATOM 251 N N    . GLY A 1 17 ? -6.462  -3.956  3.001  1.00 -0.46 ? 17 GLY A N    1 
ATOM 252 C CA   . GLY A 1 17 ? -6.053  -3.624  4.356  1.00 0.04  ? 17 GLY A CA   1 
ATOM 253 C C    . GLY A 1 17 ? -4.636  -3.048  4.399  1.00 0.62  ? 17 GLY A C    1 
ATOM 254 O O    . GLY A 1 17 ? -4.452  -1.833  4.416  1.00 -0.50 ? 17 GLY A O    1 
ATOM 255 H H    . GLY A 1 17 ? -7.329  -3.554  2.656  1.00 0.25  ? 17 GLY A H    1 
ATOM 256 H HA2  . GLY A 1 17 ? -6.747  -2.884  4.754  1.00 0.03  ? 17 GLY A HA2  1 
ATOM 257 H HA3  . GLY A 1 17 ? -6.107  -4.518  4.980  1.00 0.03  ? 17 GLY A HA3  1 
ATOM 258 N N    . CYS A 1 18 ? -3.642  -3.936  4.427  1.00 -0.46 ? 18 CYS A N    1 
ATOM 259 C CA   . CYS A 1 18 ? -2.231  -3.594  4.488  1.00 0.04  ? 18 CYS A CA   1 
ATOM 260 C C    . CYS A 1 18 ? -1.721  -3.204  3.102  1.00 0.62  ? 18 CYS A C    1 
ATOM 261 O O    . CYS A 1 18 ? -1.283  -2.072  2.906  1.00 -0.50 ? 18 CYS A O    1 
ATOM 262 C CB   . CYS A 1 18 ? -1.446  -4.774  5.061  1.00 -0.06 ? 18 CYS A CB   1 
ATOM 263 S SG   . CYS A 1 18 ? 0.302   -4.334  5.011  1.00 0.83  ? 18 CYS A SG   1 
ATOM 264 H H    . CYS A 1 18 ? -3.900  -4.892  4.210  1.00 0.25  ? 18 CYS A H    1 
ATOM 265 H HA   . CYS A 1 18 ? -2.095  -2.743  5.161  1.00 0.05  ? 18 CYS A HA   1 
ATOM 266 H HB2  . CYS A 1 18 ? -1.743  -4.959  6.093  1.00 0.04  ? 18 CYS A HB2  1 
ATOM 267 H HB3  . CYS A 1 18 ? -1.605  -5.673  4.467  1.00 0.04  ? 18 CYS A HB3  1 
ATOM 268 H HG   . CYS A 1 18 ? 0.763   -5.472  5.541  1.00 0.14  ? 18 CYS A HG   1 
ATOM 269 N N    . ASN A 1 19 ? -1.836  -4.113  2.127  1.00 -0.46 ? 19 ASN A N    1 
ATOM 270 C CA   . ASN A 1 19 ? -1.407  -3.953  0.731  1.00 0.04  ? 19 ASN A CA   1 
ATOM 271 C C    . ASN A 1 19 ? 0.103   -4.161  0.541  1.00 0.62  ? 19 ASN A C    1 
ATOM 272 O O    . ASN A 1 19 ? 0.651   -3.808  -0.506 1.00 -0.50 ? 19 ASN A O    1 
ATOM 273 C CB   . ASN A 1 19 ? -1.858  -2.626  0.093  1.00 -0.09 ? 19 ASN A CB   1 
ATOM 274 C CG   . ASN A 1 19 ? -3.335  -2.322  0.300  1.00 0.68  ? 19 ASN A CG   1 
ATOM 275 O OD1  . ASN A 1 19 ? -4.168  -2.662  -0.533 1.00 -0.47 ? 19 ASN A OD1  1 
ATOM 276 N ND2  . ASN A 1 19 ? -3.675  -1.659  1.403  1.00 -0.87 ? 19 ASN A ND2  1 
ATOM 277 H H    . ASN A 1 19 ? -2.304  -4.982  2.352  1.00 0.25  ? 19 ASN A H    1 
ATOM 278 H HA   . ASN A 1 19 ? -1.916  -4.735  0.170  1.00 0.05  ? 19 ASN A HA   1 
ATOM 279 H HB2  . ASN A 1 19 ? -1.257  -1.794  0.453  1.00 0.04  ? 19 ASN A HB2  1 
ATOM 280 H HB3  . ASN A 1 19 ? -1.690  -2.699  -0.981 1.00 0.04  ? 19 ASN A HB3  1 
ATOM 281 H HD21 . ASN A 1 19 ? -2.948  -1.423  2.074  1.00 0.34  ? 19 ASN A HD21 1 
ATOM 282 H HD22 . ASN A 1 19 ? -4.642  -1.473  1.613  1.00 0.34  ? 19 ASN A HD22 1 
ATOM 283 N N    . LEU A 1 20 ? 0.797   -4.726  1.535  1.00 -0.46 ? 20 LEU A N    1 
ATOM 284 C CA   . LEU A 1 20 ? 2.228   -4.991  1.448  1.00 0.04  ? 20 LEU A CA   1 
ATOM 285 C C    . LEU A 1 20 ? 2.555   -5.966  0.324  1.00 0.62  ? 20 LEU A C    1 
ATOM 286 O O    . LEU A 1 20 ? 3.500   -5.731  -0.424 1.00 -0.50 ? 20 LEU A O    1 
ATOM 287 C CB   . LEU A 1 20 ? 2.759   -5.470  2.810  1.00 -0.06 ? 20 LEU A CB   1 
ATOM 288 C CG   . LEU A 1 20 ? 4.260   -5.816  2.826  1.00 -0.01 ? 20 LEU A CG   1 
ATOM 289 C CD1  . LEU A 1 20 ? 4.851   -5.467  4.198  1.00 -0.11 ? 20 LEU A CD1  1 
ATOM 290 C CD2  . LEU A 1 20 ? 4.520   -7.306  2.560  1.00 -0.11 ? 20 LEU A CD2  1 
ATOM 291 H H    . LEU A 1 20 ? 0.311   -4.985  2.380  1.00 0.25  ? 20 LEU A H    1 
ATOM 292 H HA   . LEU A 1 20 ? 2.727   -4.059  1.202  1.00 0.05  ? 20 LEU A HA   1 
ATOM 293 H HB2  . LEU A 1 20 ? 2.603   -4.644  3.501  1.00 0.03  ? 20 LEU A HB2  1 
ATOM 294 H HB3  . LEU A 1 20 ? 2.180   -6.327  3.158  1.00 0.03  ? 20 LEU A HB3  1 
ATOM 295 H HG   . LEU A 1 20 ? 4.785   -5.224  2.077  1.00 0.03  ? 20 LEU A HG   1 
ATOM 296 H HD11 . LEU A 1 20 ? 4.334   -6.026  4.980  1.00 0.03  ? 20 LEU A HD11 1 
ATOM 297 H HD12 . LEU A 1 20 ? 5.911   -5.719  4.220  1.00 0.03  ? 20 LEU A HD12 1 
ATOM 298 H HD13 . LEU A 1 20 ? 4.745   -4.400  4.391  1.00 0.03  ? 20 LEU A HD13 1 
ATOM 299 H HD21 . LEU A 1 20 ? 4.181   -7.599  1.569  1.00 0.03  ? 20 LEU A HD21 1 
ATOM 300 H HD22 . LEU A 1 20 ? 5.591   -7.505  2.620  1.00 0.03  ? 20 LEU A HD22 1 
ATOM 301 H HD23 . LEU A 1 20 ? 4.006   -7.915  3.305  1.00 0.03  ? 20 LEU A HD23 1 
ATOM 302 N N    . GLU A 1 21 ? 1.798   -7.054  0.210  1.00 -0.46 ? 21 GLU A N    1 
ATOM 303 C CA   . GLU A 1 21 ? 2.007   -8.067  -0.811 1.00 0.04  ? 21 GLU A CA   1 
ATOM 304 C C    . GLU A 1 21 ? 1.822   -7.443  -2.195 1.00 0.62  ? 21 GLU A C    1 
ATOM 305 O O    . GLU A 1 21 ? 2.642   -7.646  -3.088 1.00 -0.50 ? 21 GLU A O    1 
ATOM 306 C CB   . GLU A 1 21 ? 1.088   -9.287  -0.584 1.00 -0.18 ? 21 GLU A CB   1 
ATOM 307 C CG   . GLU A 1 21 ? -0.141  -9.092  0.329  1.00 -0.40 ? 21 GLU A CG   1 
ATOM 308 C CD   . GLU A 1 21 ? -1.140  -8.075  -0.205 1.00 0.71  ? 21 GLU A CD   1 
ATOM 309 O OE1  . GLU A 1 21 ? -0.803  -6.873  -0.112 1.00 -0.72 ? 21 GLU A OE1  1 
ATOM 310 O OE2  . GLU A 1 21 ? -2.197  -8.499  -0.711 1.00 -0.72 ? 21 GLU A OE2  1 
ATOM 311 H H    . GLU A 1 21 ? 0.871   -7.026  0.628  1.00 0.25  ? 21 GLU A H    1 
ATOM 312 H HA   . GLU A 1 21 ? 3.041   -8.411  -0.750 1.00 0.05  ? 21 GLU A HA   1 
ATOM 313 H HB2  . GLU A 1 21 ? 0.743   -9.658  -1.551 1.00 0.09  ? 21 GLU A HB2  1 
ATOM 314 H HB3  . GLU A 1 21 ? 1.693   -10.072 -0.130 1.00 0.09  ? 21 GLU A HB3  1 
ATOM 315 H HG2  . GLU A 1 21 ? -0.657  -10.049 0.407  1.00 0.07  ? 21 GLU A HG2  1 
ATOM 316 H HG3  . GLU A 1 21 ? 0.169   -8.807  1.335  1.00 0.07  ? 21 GLU A HG3  1 
ATOM 317 N N    . GLY A 1 22 ? 0.746   -6.676  -2.366 1.00 -0.46 ? 22 GLY A N    1 
ATOM 318 C CA   . GLY A 1 22 ? 0.430   -6.051  -3.637 1.00 0.04  ? 22 GLY A CA   1 
ATOM 319 C C    . GLY A 1 22 ? 1.467   -4.995  -4.016 1.00 0.62  ? 22 GLY A C    1 
ATOM 320 O O    . GLY A 1 22 ? 1.995   -5.015  -5.128 1.00 -0.50 ? 22 GLY A O    1 
ATOM 321 H H    . GLY A 1 22 ? 0.105   -6.571  -1.577 1.00 0.25  ? 22 GLY A H    1 
ATOM 322 H HA2  . GLY A 1 22 ? 0.384   -6.814  -4.415 1.00 0.03  ? 22 GLY A HA2  1 
ATOM 323 H HA3  . GLY A 1 22 ? -0.549  -5.579  -3.559 1.00 0.03  ? 22 GLY A HA3  1 
ATOM 324 N N    . PHE A 1 23 ? 1.714   -4.043  -3.110 1.00 -0.46 ? 23 PHE A N    1 
ATOM 325 C CA   . PHE A 1 23 ? 2.345   -2.770  -3.438 1.00 0.04  ? 23 PHE A CA   1 
ATOM 326 C C    . PHE A 1 23 ? 3.751   -2.644  -2.861 1.00 0.62  ? 23 PHE A C    1 
ATOM 327 O O    . PHE A 1 23 ? 4.682   -2.341  -3.595 1.00 -0.50 ? 23 PHE A O    1 
ATOM 328 C CB   . PHE A 1 23 ? 1.453   -1.606  -2.983 1.00 -0.10 ? 23 PHE A CB   1 
ATOM 329 C CG   . PHE A 1 23 ? 0.231   -1.397  -3.859 1.00 -0.10 ? 23 PHE A CG   1 
ATOM 330 C CD1  . PHE A 1 23 ? -0.818  -2.334  -3.847 1.00 -0.15 ? 23 PHE A CD1  1 
ATOM 331 C CD2  . PHE A 1 23 ? 0.183   -0.310  -4.753 1.00 -0.15 ? 23 PHE A CD2  1 
ATOM 332 C CE1  . PHE A 1 23 ? -1.899  -2.199  -4.736 1.00 -0.15 ? 23 PHE A CE1  1 
ATOM 333 C CE2  . PHE A 1 23 ? -0.901  -0.171  -5.637 1.00 -0.15 ? 23 PHE A CE2  1 
ATOM 334 C CZ   . PHE A 1 23 ? -1.941  -1.116  -5.630 1.00 -0.15 ? 23 PHE A CZ   1 
ATOM 335 H H    . PHE A 1 23 ? 1.287   -4.134  -2.193 1.00 0.25  ? 23 PHE A H    1 
ATOM 336 H HA   . PHE A 1 23 ? 2.446   -2.672  -4.520 1.00 0.05  ? 23 PHE A HA   1 
ATOM 337 H HB2  . PHE A 1 23 ? 1.136   -1.762  -1.951 1.00 0.11  ? 23 PHE A HB2  1 
ATOM 338 H HB3  . PHE A 1 23 ? 2.053   -0.695  -3.005 1.00 0.11  ? 23 PHE A HB3  1 
ATOM 339 H HD1  . PHE A 1 23 ? -0.806  -3.159  -3.152 1.00 0.15  ? 23 PHE A HD1  1 
ATOM 340 H HD2  . PHE A 1 23 ? 0.981   0.418   -4.774 1.00 0.15  ? 23 PHE A HD2  1 
ATOM 341 H HE1  . PHE A 1 23 ? -2.701  -2.924  -4.725 1.00 0.15  ? 23 PHE A HE1  1 
ATOM 342 H HE2  . PHE A 1 23 ? -0.932  0.660   -6.327 1.00 0.15  ? 23 PHE A HE2  1 
ATOM 343 H HZ   . PHE A 1 23 ? -2.772  -1.011  -6.313 1.00 0.15  ? 23 PHE A HZ   1 
ATOM 344 N N    . PHE A 1 24 ? 3.932   -2.790  -1.548 1.00 -0.46 ? 24 PHE A N    1 
ATOM 345 C CA   . PHE A 1 24 ? 5.208   -2.401  -0.941 1.00 0.04  ? 24 PHE A CA   1 
ATOM 346 C C    . PHE A 1 24 ? 6.296   -3.433  -1.257 1.00 0.62  ? 24 PHE A C    1 
ATOM 347 O O    . PHE A 1 24 ? 7.463   -3.091  -1.447 1.00 -0.50 ? 24 PHE A O    1 
ATOM 348 C CB   . PHE A 1 24 ? 5.053   -2.151  0.569  1.00 -0.10 ? 24 PHE A CB   1 
ATOM 349 C CG   . PHE A 1 24 ? 3.805   -1.384  0.991  1.00 -0.10 ? 24 PHE A CG   1 
ATOM 350 C CD1  . PHE A 1 24 ? 3.178   -0.479  0.109  1.00 -0.15 ? 24 PHE A CD1  1 
ATOM 351 C CD2  . PHE A 1 24 ? 3.168   -1.717  2.201  1.00 -0.15 ? 24 PHE A CD2  1 
ATOM 352 C CE1  . PHE A 1 24 ? 1.841   -0.104  0.320  1.00 -0.15 ? 24 PHE A CE1  1 
ATOM 353 C CE2  . PHE A 1 24 ? 1.841   -1.320  2.428  1.00 -0.15 ? 24 PHE A CE2  1 
ATOM 354 C CZ   . PHE A 1 24 ? 1.162   -0.555  1.465  1.00 -0.15 ? 24 PHE A CZ   1 
ATOM 355 H H    . PHE A 1 24 ? 3.152   -3.045  -0.958 1.00 0.25  ? 24 PHE A H    1 
ATOM 356 H HA   . PHE A 1 24 ? 5.531   -1.456  -1.383 1.00 0.05  ? 24 PHE A HA   1 
ATOM 357 H HB2  . PHE A 1 24 ? 5.046   -3.123  1.062  1.00 0.11  ? 24 PHE A HB2  1 
ATOM 358 H HB3  . PHE A 1 24 ? 5.932   -1.610  0.917  1.00 0.11  ? 24 PHE A HB3  1 
ATOM 359 H HD1  . PHE A 1 24 ? 3.692   -0.126  -0.774 1.00 0.15  ? 24 PHE A HD1  1 
ATOM 360 H HD2  . PHE A 1 24 ? 3.668   -2.338  2.929  1.00 0.15  ? 24 PHE A HD2  1 
ATOM 361 H HE1  . PHE A 1 24 ? 1.328   0.494   -0.419 1.00 0.15  ? 24 PHE A HE1  1 
ATOM 362 H HE2  . PHE A 1 24 ? 1.323   -1.641  3.322  1.00 0.15  ? 24 PHE A HE2  1 
ATOM 363 H HZ   . PHE A 1 24 ? 0.119   -0.322  1.612  1.00 0.15  ? 24 PHE A HZ   1 
ATOM 364 N N    . ALA A 1 25 ? 5.909   -4.709  -1.331 1.00 -0.46 ? 25 ALA A N    1 
ATOM 365 C CA   . ALA A 1 25 ? 6.785   -5.783  -1.762 1.00 0.04  ? 25 ALA A CA   1 
ATOM 366 C C    . ALA A 1 25 ? 7.305   -5.495  -3.168 1.00 0.62  ? 25 ALA A C    1 
ATOM 367 O O    . ALA A 1 25 ? 8.503   -5.562  -3.402 1.00 -0.50 ? 25 ALA A O    1 
ATOM 368 C CB   . ALA A 1 25 ? 6.039   -7.120  -1.715 1.00 -0.10 ? 25 ALA A CB   1 
ATOM 369 H H    . ALA A 1 25 ? 4.938   -4.935  -1.149 1.00 0.25  ? 25 ALA A H    1 
ATOM 370 H HA   . ALA A 1 25 ? 7.635   -5.841  -1.080 1.00 0.05  ? 25 ALA A HA   1 
ATOM 371 H HB1  . ALA A 1 25 ? 6.704   -7.918  -2.046 1.00 0.04  ? 25 ALA A HB1  1 
ATOM 372 H HB2  . ALA A 1 25 ? 5.717   -7.328  -0.694 1.00 0.04  ? 25 ALA A HB2  1 
ATOM 373 H HB3  . ALA A 1 25 ? 5.169   -7.088  -2.369 1.00 0.04  ? 25 ALA A HB3  1 
ATOM 374 N N    . THR A 1 26 ? 6.416   -5.156  -4.101 1.00 -0.46 ? 26 THR A N    1 
ATOM 375 C CA   . THR A 1 26 ? 6.792   -4.859  -5.471 1.00 0.04  ? 26 THR A CA   1 
ATOM 376 C C    . THR A 1 26 ? 7.488   -3.494  -5.519 1.00 0.62  ? 26 THR A C    1 
ATOM 377 O O    . THR A 1 26 ? 8.706   -3.410  -5.671 1.00 -0.50 ? 26 THR A O    1 
ATOM 378 C CB   . THR A 1 26 ? 5.521   -4.926  -6.332 1.00 0.17  ? 26 THR A CB   1 
ATOM 379 O OG1  . THR A 1 26 ? 4.512   -4.157  -5.708 1.00 -0.55 ? 26 THR A OG1  1 
ATOM 380 C CG2  . THR A 1 26 ? 5.028   -6.371  -6.457 1.00 -0.19 ? 26 THR A CG2  1 
ATOM 381 H H    . THR A 1 26 ? 5.440   -5.035  -3.867 1.00 0.25  ? 26 THR A H    1 
ATOM 382 H HA   . THR A 1 26 ? 7.499   -5.605  -5.836 1.00 0.05  ? 26 THR A HA   1 
ATOM 383 H HB   . THR A 1 26 ? 5.731   -4.538  -7.330 1.00 0.08  ? 26 THR A HB   1 
ATOM 384 H HG1  . THR A 1 26 ? 3.650   -4.591  -5.798 1.00 0.31  ? 26 THR A HG1  1 
ATOM 385 H HG21 . THR A 1 26 ? 4.776   -6.780  -5.478 1.00 0.07  ? 26 THR A HG21 1 
ATOM 386 H HG22 . THR A 1 26 ? 4.142   -6.404  -7.092 1.00 0.07  ? 26 THR A HG22 1 
ATOM 387 H HG23 . THR A 1 26 ? 5.807   -6.984  -6.910 1.00 0.07  ? 26 THR A HG23 1 
ATOM 388 N N    . LEU A 1 27 ? 6.721   -2.416  -5.348 1.00 -0.46 ? 27 LEU A N    1 
ATOM 389 C CA   . LEU A 1 27 ? 7.216   -1.046  -5.327 1.00 0.04  ? 27 LEU A CA   1 
ATOM 390 C C    . LEU A 1 27 ? 7.911   -0.776  -3.987 1.00 0.62  ? 27 LEU A C    1 
ATOM 391 O O    . LEU A 1 27 ? 7.443   0.030   -3.183 1.00 -0.50 ? 27 LEU A O    1 
ATOM 392 C CB   . LEU A 1 27 ? 6.078   -0.035  -5.570 1.00 -0.06 ? 27 LEU A CB   1 
ATOM 393 C CG   . LEU A 1 27 ? 5.511   0.000   -7.001 1.00 -0.01 ? 27 LEU A CG   1 
ATOM 394 C CD1  . LEU A 1 27 ? 4.716   -1.259  -7.368 1.00 -0.11 ? 27 LEU A CD1  1 
ATOM 395 C CD2  . LEU A 1 27 ? 4.586   1.218   -7.129 1.00 -0.11 ? 27 LEU A CD2  1 
ATOM 396 H H    . LEU A 1 27 ? 5.741   -2.581  -5.118 1.00 0.25  ? 27 LEU A H    1 
ATOM 397 H HA   . LEU A 1 27 ? 7.954   -0.914  -6.121 1.00 0.05  ? 27 LEU A HA   1 
ATOM 398 H HB2  . LEU A 1 27 ? 5.269   -0.202  -4.859 1.00 0.03  ? 27 LEU A HB2  1 
ATOM 399 H HB3  . LEU A 1 27 ? 6.489   0.957   -5.376 1.00 0.03  ? 27 LEU A HB3  1 
ATOM 400 H HG   . LEU A 1 27 ? 6.331   0.120   -7.711 1.00 0.03  ? 27 LEU A HG   1 
ATOM 401 H HD11 . LEU A 1 27 ? 3.991   -1.489  -6.585 1.00 0.03  ? 27 LEU A HD11 1 
ATOM 402 H HD12 . LEU A 1 27 ? 4.186   -1.101  -8.307 1.00 0.03  ? 27 LEU A HD12 1 
ATOM 403 H HD13 . LEU A 1 27 ? 5.389   -2.102  -7.504 1.00 0.03  ? 27 LEU A HD13 1 
ATOM 404 H HD21 . LEU A 1 27 ? 5.138   2.131   -6.911 1.00 0.03  ? 27 LEU A HD21 1 
ATOM 405 H HD22 . LEU A 1 27 ? 4.196   1.283   -8.145 1.00 0.03  ? 27 LEU A HD22 1 
ATOM 406 H HD23 . LEU A 1 27 ? 3.753   1.128   -6.431 1.00 0.03  ? 27 LEU A HD23 1 
ATOM 407 N N    . GLY A 1 28 ? 9.052   -1.428  -3.761 1.00 -0.46 ? 28 GLY A N    1 
ATOM 408 C CA   . GLY A 1 28 ? 9.880   -1.199  -2.589 1.00 0.04  ? 28 GLY A CA   1 
ATOM 409 C C    . GLY A 1 28 ? 10.815  -2.380  -2.364 1.00 0.62  ? 28 GLY A C    1 
ATOM 410 O O    . GLY A 1 28 ? 12.030  -2.240  -2.478 1.00 -0.50 ? 28 GLY A O    1 
ATOM 411 H H    . GLY A 1 28 ? 9.347   -2.121  -4.444 1.00 0.25  ? 28 GLY A H    1 
ATOM 412 H HA2  . GLY A 1 28 ? 10.468  -0.295  -2.742 1.00 0.03  ? 28 GLY A HA2  1 
ATOM 413 H HA3  . GLY A 1 28 ? 9.261   -1.069  -1.700 1.00 0.03  ? 28 GLY A HA3  1 
ATOM 414 N N    . GLY A 1 29 ? 10.247  -3.540  -2.038 1.00 -0.46 ? 29 GLY A N    1 
ATOM 415 C CA   . GLY A 1 29 ? 11.021  -4.748  -1.777 1.00 0.04  ? 29 GLY A CA   1 
ATOM 416 C C    . GLY A 1 29 ? 11.766  -5.243  -3.021 1.00 0.62  ? 29 GLY A C    1 
ATOM 417 O O    . GLY A 1 29 ? 12.928  -5.630  -2.920 1.00 -0.50 ? 29 GLY A O    1 
ATOM 418 H H    . GLY A 1 29 ? 9.234   -3.580  -1.966 1.00 0.25  ? 29 GLY A H    1 
ATOM 419 H HA2  . GLY A 1 29 ? 11.741  -4.550  -0.982 1.00 0.03  ? 29 GLY A HA2  1 
ATOM 420 H HA3  . GLY A 1 29 ? 10.346  -5.535  -1.441 1.00 0.03  ? 29 GLY A HA3  1 
ATOM 421 N N    . GLU A 1 30 ? 11.071  -5.239  -4.164 1.00 -0.46 ? 30 GLU A N    1 
ATOM 422 C CA   . GLU A 1 30 ? 11.373  -5.991  -5.376 1.00 0.04  ? 30 GLU A CA   1 
ATOM 423 C C    . GLU A 1 30 ? 11.070  -7.481  -5.151 1.00 0.62  ? 30 GLU A C    1 
ATOM 424 O O    . GLU A 1 30 ? 11.045  -7.948  -4.010 1.00 -0.50 ? 30 GLU A O    1 
ATOM 425 C CB   . GLU A 1 30 ? 12.787  -5.692  -5.916 1.00 -0.18 ? 30 GLU A CB   1 
ATOM 426 C CG   . GLU A 1 30 ? 13.068  -6.265  -7.315 1.00 -0.40 ? 30 GLU A CG   1 
ATOM 427 C CD   . GLU A 1 30 ? 12.026  -5.857  -8.348 1.00 0.71  ? 30 GLU A CD   1 
ATOM 428 O OE1  . GLU A 1 30 ? 10.989  -6.556  -8.397 1.00 -0.72 ? 30 GLU A OE1  1 
ATOM 429 O OE2  . GLU A 1 30 ? 12.274  -4.853  -9.048 1.00 -0.72 ? 30 GLU A OE2  1 
ATOM 430 H H    . GLU A 1 30 ? 10.103  -4.950  -4.080 1.00 0.25  ? 30 GLU A H    1 
ATOM 431 H HA   . GLU A 1 30 ? 10.645  -5.619  -6.097 1.00 0.05  ? 30 GLU A HA   1 
ATOM 432 H HB2  . GLU A 1 30 ? 12.909  -4.609  -5.969 1.00 0.09  ? 30 GLU A HB2  1 
ATOM 433 H HB3  . GLU A 1 30 ? 13.536  -6.099  -5.238 1.00 0.09  ? 30 GLU A HB3  1 
ATOM 434 H HG2  . GLU A 1 30 ? 14.042  -5.911  -7.650 1.00 0.07  ? 30 GLU A HG2  1 
ATOM 435 H HG3  . GLU A 1 30 ? 13.108  -7.355  -7.269 1.00 0.07  ? 30 GLU A HG3  1 
ATOM 436 N N    . ILE A 1 31 ? 10.765  -8.203  -6.231 1.00 -0.46 ? 31 ILE A N    1 
ATOM 437 C CA   . ILE A 1 31 ? 10.334  -9.599  -6.205 1.00 0.04  ? 31 ILE A CA   1 
ATOM 438 C C    . ILE A 1 31 ? 11.252  -10.474 -7.071 1.00 0.52  ? 31 ILE A C    1 
ATOM 439 O O    . ILE A 1 31 ? 10.760  -11.511 -7.570 1.00 -0.71 ? 31 ILE A O    1 
ATOM 440 C CB   . ILE A 1 31 ? 8.847   -9.690  -6.607 1.00 -0.01 ? 31 ILE A CB   1 
ATOM 441 C CG1  . ILE A 1 31 ? 8.597   -9.077  -7.998 1.00 -0.05 ? 31 ILE A CG1  1 
ATOM 442 C CG2  . ILE A 1 31 ? 7.976   -9.005  -5.541 1.00 -0.09 ? 31 ILE A CG2  1 
ATOM 443 C CD1  . ILE A 1 31 ? 7.237   -9.480  -8.577 1.00 -0.09 ? 31 ILE A CD1  1 
ATOM 444 O OXT  . ILE A 1 31 ? 12.444  -10.117 -7.197 1.00 -0.71 ? 31 ILE A OXT  1 
ATOM 445 H H    . ILE A 1 31 ? 10.853  -7.750  -7.143 1.00 0.25  ? 31 ILE A H    1 
ATOM 446 H HA   . ILE A 1 31 ? 10.429  -10.002 -5.196 1.00 0.05  ? 31 ILE A HA   1 
ATOM 447 H HB   . ILE A 1 31 ? 8.564   -10.743 -6.628 1.00 0.02  ? 31 ILE A HB   1 
ATOM 448 H HG12 . ILE A 1 31 ? 8.654   -7.990  -7.945 1.00 0.03  ? 31 ILE A HG12 1 
ATOM 449 H HG13 . ILE A 1 31 ? 9.362   -9.426  -8.692 1.00 0.03  ? 31 ILE A HG13 1 
ATOM 450 H HG21 . ILE A 1 31 ? 8.157   -7.931  -5.532 1.00 0.03  ? 31 ILE A HG21 1 
ATOM 451 H HG22 . ILE A 1 31 ? 6.921   -9.186  -5.741 1.00 0.03  ? 31 ILE A HG22 1 
ATOM 452 H HG23 . ILE A 1 31 ? 8.212   -9.410  -4.557 1.00 0.03  ? 31 ILE A HG23 1 
ATOM 453 H HD11 . ILE A 1 31 ? 6.424   -9.101  -7.960 1.00 0.03  ? 31 ILE A HD11 1 
ATOM 454 H HD12 . ILE A 1 31 ? 7.140   -9.064  -9.580 1.00 0.03  ? 31 ILE A HD12 1 
ATOM 455 H HD13 . ILE A 1 31 ? 7.170   -10.568 -8.637 1.00 0.03  ? 31 ILE A HD13 1 
# 
